data_225D
# 
_entry.id   225D 
# 
_audit_conform.dict_name       mmcif_pdbx.dic 
_audit_conform.dict_version    5.392 
_audit_conform.dict_location   http://mmcif.pdb.org/dictionaries/ascii/mmcif_pdbx.dic 
# 
loop_
_database_2.database_id 
_database_2.database_code 
_database_2.pdbx_database_accession 
_database_2.pdbx_DOI 
PDB   225D         pdb_0000225d 10.2210/pdb225d/pdb 
WWPDB D_1000177600 ?            ?                   
# 
loop_
_pdbx_audit_revision_history.ordinal 
_pdbx_audit_revision_history.data_content_type 
_pdbx_audit_revision_history.major_revision 
_pdbx_audit_revision_history.minor_revision 
_pdbx_audit_revision_history.revision_date 
1 'Structure model' 1 0 1995-10-15 
2 'Structure model' 1 1 2008-03-24 
3 'Structure model' 1 2 2011-07-13 
4 'Structure model' 1 3 2022-03-09 
5 'Structure model' 1 4 2024-05-22 
# 
_pdbx_audit_revision_details.ordinal             1 
_pdbx_audit_revision_details.revision_ordinal    1 
_pdbx_audit_revision_details.data_content_type   'Structure model' 
_pdbx_audit_revision_details.provider            repository 
_pdbx_audit_revision_details.type                'Initial release' 
_pdbx_audit_revision_details.description         ? 
_pdbx_audit_revision_details.details             ? 
# 
loop_
_pdbx_audit_revision_group.ordinal 
_pdbx_audit_revision_group.revision_ordinal 
_pdbx_audit_revision_group.data_content_type 
_pdbx_audit_revision_group.group 
1 2 'Structure model' 'Version format compliance' 
2 3 'Structure model' 'Version format compliance' 
3 4 'Structure model' 'Database references'       
4 4 'Structure model' 'Derived calculations'      
5 4 'Structure model' Other                       
6 5 'Structure model' 'Data collection'           
# 
loop_
_pdbx_audit_revision_category.ordinal 
_pdbx_audit_revision_category.revision_ordinal 
_pdbx_audit_revision_category.data_content_type 
_pdbx_audit_revision_category.category 
1 4 'Structure model' database_2            
2 4 'Structure model' pdbx_database_status  
3 4 'Structure model' pdbx_struct_assembly  
4 4 'Structure model' pdbx_struct_oper_list 
5 5 'Structure model' chem_comp_atom        
6 5 'Structure model' chem_comp_bond        
# 
loop_
_pdbx_audit_revision_item.ordinal 
_pdbx_audit_revision_item.revision_ordinal 
_pdbx_audit_revision_item.data_content_type 
_pdbx_audit_revision_item.item 
1 4 'Structure model' '_database_2.pdbx_DOI'                
2 4 'Structure model' '_database_2.pdbx_database_accession' 
3 4 'Structure model' '_pdbx_database_status.process_site'  
# 
_pdbx_database_status.status_code                     REL 
_pdbx_database_status.entry_id                        225D 
_pdbx_database_status.recvd_initial_deposition_date   1995-07-12 
_pdbx_database_status.deposit_site                    ? 
_pdbx_database_status.process_site                    BNL 
_pdbx_database_status.SG_entry                        . 
_pdbx_database_status.pdb_format_compatible           Y 
_pdbx_database_status.status_code_mr                  ? 
_pdbx_database_status.status_code_sf                  ? 
_pdbx_database_status.status_code_cs                  ? 
_pdbx_database_status.status_code_nmr_data            ? 
_pdbx_database_status.methods_development_category    ? 
# 
loop_
_audit_author.name 
_audit_author.pdbx_ordinal 
'Gehring, K.' 1 
'Leroy, J.L.' 2 
'Gueron, M.'  3 
# 
_citation.id                        primary 
_citation.title                     'A tetrameric DNA structure with protonated cytosine.cytosine base pairs.' 
_citation.journal_abbrev            Nature 
_citation.journal_volume            363 
_citation.page_first                561 
_citation.page_last                 565 
_citation.year                      1993 
_citation.journal_id_ASTM           NATUAS 
_citation.country                   UK 
_citation.journal_id_ISSN           0028-0836 
_citation.journal_id_CSD            0006 
_citation.book_publisher            ? 
_citation.pdbx_database_id_PubMed   8389423 
_citation.pdbx_database_id_DOI      10.1038/363561a0 
# 
loop_
_citation_author.citation_id 
_citation_author.name 
_citation_author.ordinal 
_citation_author.identifier_ORCID 
primary 'Gehring, K.' 1 ? 
primary 'Leroy, J.L.' 2 ? 
primary 'Gueron, M.'  3 ? 
# 
_entity.id                         1 
_entity.type                       polymer 
_entity.src_method                 syn 
_entity.pdbx_description           
;DNA (5'-D(*TP*CP*CP*CP*CP*C)-3')
;
_entity.formula_weight             1705.145 
_entity.pdbx_number_of_molecules   4 
_entity.pdbx_ec                    ? 
_entity.pdbx_mutation              ? 
_entity.pdbx_fragment              ? 
_entity.details                    ? 
# 
_entity_keywords.entity_id   1 
_entity_keywords.text        'DEOXYRIBONUCLEIC ACID' 
# 
_entity_poly.entity_id                      1 
_entity_poly.type                           polydeoxyribonucleotide 
_entity_poly.nstd_linkage                   no 
_entity_poly.nstd_monomer                   no 
_entity_poly.pdbx_seq_one_letter_code       '(DT)(DC)(DC)(DC)(DC)(DC)' 
_entity_poly.pdbx_seq_one_letter_code_can   TCCCCC 
_entity_poly.pdbx_strand_id                 A,B,C,D 
_entity_poly.pdbx_target_identifier         ? 
# 
loop_
_entity_poly_seq.entity_id 
_entity_poly_seq.num 
_entity_poly_seq.mon_id 
_entity_poly_seq.hetero 
1 1 DT n 
1 2 DC n 
1 3 DC n 
1 4 DC n 
1 5 DC n 
1 6 DC n 
# 
_pdbx_entity_src_syn.entity_id              1 
_pdbx_entity_src_syn.pdbx_src_id            1 
_pdbx_entity_src_syn.pdbx_alt_source_flag   sample 
_pdbx_entity_src_syn.pdbx_beg_seq_num       ? 
_pdbx_entity_src_syn.pdbx_end_seq_num       ? 
_pdbx_entity_src_syn.organism_scientific    ? 
_pdbx_entity_src_syn.organism_common_name   ? 
_pdbx_entity_src_syn.ncbi_taxonomy_id       ? 
_pdbx_entity_src_syn.details                'CHEMICALLY SYNTHESIZED' 
# 
loop_
_chem_comp.id 
_chem_comp.type 
_chem_comp.mon_nstd_flag 
_chem_comp.name 
_chem_comp.pdbx_synonyms 
_chem_comp.formula 
_chem_comp.formula_weight 
DC 'DNA linking' y "2'-DEOXYCYTIDINE-5'-MONOPHOSPHATE" ? 'C9 H14 N3 O7 P'  307.197 
DT 'DNA linking' y "THYMIDINE-5'-MONOPHOSPHATE"        ? 'C10 H15 N2 O8 P' 322.208 
# 
loop_
_pdbx_poly_seq_scheme.asym_id 
_pdbx_poly_seq_scheme.entity_id 
_pdbx_poly_seq_scheme.seq_id 
_pdbx_poly_seq_scheme.mon_id 
_pdbx_poly_seq_scheme.ndb_seq_num 
_pdbx_poly_seq_scheme.pdb_seq_num 
_pdbx_poly_seq_scheme.auth_seq_num 
_pdbx_poly_seq_scheme.pdb_mon_id 
_pdbx_poly_seq_scheme.auth_mon_id 
_pdbx_poly_seq_scheme.pdb_strand_id 
_pdbx_poly_seq_scheme.pdb_ins_code 
_pdbx_poly_seq_scheme.hetero 
A 1 1 DT 1 1 1 DT T A . n 
A 1 2 DC 2 2 2 DC C A . n 
A 1 3 DC 3 3 3 DC C A . n 
A 1 4 DC 4 4 4 DC C A . n 
A 1 5 DC 5 5 5 DC C A . n 
A 1 6 DC 6 6 6 DC C A . n 
B 1 1 DT 1 1 1 DT T B . n 
B 1 2 DC 2 2 2 DC C B . n 
B 1 3 DC 3 3 3 DC C B . n 
B 1 4 DC 4 4 4 DC C B . n 
B 1 5 DC 5 5 5 DC C B . n 
B 1 6 DC 6 6 6 DC C B . n 
C 1 1 DT 1 1 1 DT T C . n 
C 1 2 DC 2 2 2 DC C C . n 
C 1 3 DC 3 3 3 DC C C . n 
C 1 4 DC 4 4 4 DC C C . n 
C 1 5 DC 5 5 5 DC C C . n 
C 1 6 DC 6 6 6 DC C C . n 
D 1 1 DT 1 1 1 DT T D . n 
D 1 2 DC 2 2 2 DC C D . n 
D 1 3 DC 3 3 3 DC C D . n 
D 1 4 DC 4 4 4 DC C D . n 
D 1 5 DC 5 5 5 DC C D . n 
D 1 6 DC 6 6 6 DC C D . n 
# 
loop_
_software.name 
_software.classification 
_software.version 
_software.citation_id 
_software.pdbx_ordinal 
X-PLOR 'model building' . ? 1 
X-PLOR refinement       . ? 2 
X-PLOR phasing          . ? 3 
# 
_cell.entry_id           225D 
_cell.length_a           1.000 
_cell.length_b           1.000 
_cell.length_c           1.000 
_cell.angle_alpha        90.00 
_cell.angle_beta         90.00 
_cell.angle_gamma        90.00 
_cell.Z_PDB              1 
_cell.pdbx_unique_axis   ? 
# 
_symmetry.entry_id                         225D 
_symmetry.space_group_name_H-M             'P 1' 
_symmetry.pdbx_full_space_group_name_H-M   ? 
_symmetry.cell_setting                     ? 
_symmetry.Int_Tables_number                1 
# 
_exptl.entry_id          225D 
_exptl.method            'SOLUTION NMR' 
_exptl.crystals_number   ? 
# 
_struct.entry_id                  225D 
_struct.title                     'A TETRAMERIC DNA STRUCTURE WITH PROTONATED CYTOSINE:CYTOSINE BASE PAIRS' 
_struct.pdbx_model_details        ? 
_struct.pdbx_CASP_flag            ? 
_struct.pdbx_model_type_details   ? 
# 
_struct_keywords.entry_id        225D 
_struct_keywords.pdbx_keywords   DNA 
_struct_keywords.text            'DNA, INTERCALATED CYTOSINE TETRAD' 
# 
loop_
_struct_asym.id 
_struct_asym.pdbx_blank_PDB_chainid_flag 
_struct_asym.pdbx_modified 
_struct_asym.entity_id 
_struct_asym.details 
A N N 1 ? 
B N N 1 ? 
C N N 1 ? 
D N N 1 ? 
# 
_struct_ref.id                         1 
_struct_ref.entity_id                  1 
_struct_ref.db_name                    PDB 
_struct_ref.db_code                    225D 
_struct_ref.pdbx_db_accession          225D 
_struct_ref.pdbx_db_isoform            ? 
_struct_ref.pdbx_seq_one_letter_code   ? 
_struct_ref.pdbx_align_begin           ? 
# 
loop_
_struct_ref_seq.align_id 
_struct_ref_seq.ref_id 
_struct_ref_seq.pdbx_PDB_id_code 
_struct_ref_seq.pdbx_strand_id 
_struct_ref_seq.seq_align_beg 
_struct_ref_seq.pdbx_seq_align_beg_ins_code 
_struct_ref_seq.seq_align_end 
_struct_ref_seq.pdbx_seq_align_end_ins_code 
_struct_ref_seq.pdbx_db_accession 
_struct_ref_seq.db_align_beg 
_struct_ref_seq.pdbx_db_align_beg_ins_code 
_struct_ref_seq.db_align_end 
_struct_ref_seq.pdbx_db_align_end_ins_code 
_struct_ref_seq.pdbx_auth_seq_align_beg 
_struct_ref_seq.pdbx_auth_seq_align_end 
1 1 225D A 1 ? 6 ? 225D 1 ? 6 ? 1 6 
2 1 225D B 1 ? 6 ? 225D 1 ? 6 ? 1 6 
3 1 225D C 1 ? 6 ? 225D 1 ? 6 ? 1 6 
4 1 225D D 1 ? 6 ? 225D 1 ? 6 ? 1 6 
# 
_pdbx_struct_assembly.id                   1 
_pdbx_struct_assembly.details              author_defined_assembly 
_pdbx_struct_assembly.method_details       ? 
_pdbx_struct_assembly.oligomeric_details   tetrameric 
_pdbx_struct_assembly.oligomeric_count     4 
# 
_pdbx_struct_assembly_gen.assembly_id       1 
_pdbx_struct_assembly_gen.oper_expression   1 
_pdbx_struct_assembly_gen.asym_id_list      A,B,C,D 
# 
_pdbx_struct_oper_list.id                   1 
_pdbx_struct_oper_list.type                 'identity operation' 
_pdbx_struct_oper_list.name                 1_555 
_pdbx_struct_oper_list.symmetry_operation   x,y,z 
_pdbx_struct_oper_list.matrix[1][1]         1.0000000000 
_pdbx_struct_oper_list.matrix[1][2]         0.0000000000 
_pdbx_struct_oper_list.matrix[1][3]         0.0000000000 
_pdbx_struct_oper_list.vector[1]            0.0000000000 
_pdbx_struct_oper_list.matrix[2][1]         0.0000000000 
_pdbx_struct_oper_list.matrix[2][2]         1.0000000000 
_pdbx_struct_oper_list.matrix[2][3]         0.0000000000 
_pdbx_struct_oper_list.vector[2]            0.0000000000 
_pdbx_struct_oper_list.matrix[3][1]         0.0000000000 
_pdbx_struct_oper_list.matrix[3][2]         0.0000000000 
_pdbx_struct_oper_list.matrix[3][3]         1.0000000000 
_pdbx_struct_oper_list.vector[3]            0.0000000000 
# 
_struct_biol.id   1 
# 
loop_
_struct_conn.id 
_struct_conn.conn_type_id 
_struct_conn.pdbx_leaving_atom_flag 
_struct_conn.pdbx_PDB_id 
_struct_conn.ptnr1_label_asym_id 
_struct_conn.ptnr1_label_comp_id 
_struct_conn.ptnr1_label_seq_id 
_struct_conn.ptnr1_label_atom_id 
_struct_conn.pdbx_ptnr1_label_alt_id 
_struct_conn.pdbx_ptnr1_PDB_ins_code 
_struct_conn.pdbx_ptnr1_standard_comp_id 
_struct_conn.ptnr1_symmetry 
_struct_conn.ptnr2_label_asym_id 
_struct_conn.ptnr2_label_comp_id 
_struct_conn.ptnr2_label_seq_id 
_struct_conn.ptnr2_label_atom_id 
_struct_conn.pdbx_ptnr2_label_alt_id 
_struct_conn.pdbx_ptnr2_PDB_ins_code 
_struct_conn.ptnr1_auth_asym_id 
_struct_conn.ptnr1_auth_comp_id 
_struct_conn.ptnr1_auth_seq_id 
_struct_conn.ptnr2_auth_asym_id 
_struct_conn.ptnr2_auth_comp_id 
_struct_conn.ptnr2_auth_seq_id 
_struct_conn.ptnr2_symmetry 
_struct_conn.pdbx_ptnr3_label_atom_id 
_struct_conn.pdbx_ptnr3_label_seq_id 
_struct_conn.pdbx_ptnr3_label_comp_id 
_struct_conn.pdbx_ptnr3_label_asym_id 
_struct_conn.pdbx_ptnr3_label_alt_id 
_struct_conn.pdbx_ptnr3_PDB_ins_code 
_struct_conn.details 
_struct_conn.pdbx_dist_value 
_struct_conn.pdbx_value_order 
_struct_conn.pdbx_role 
hydrog1  hydrog ? ? A DT 1 N3 ? ? ? 1_555 C DT 1 O2 ? ? A DT 1 C DT 1 1_555 ? ? ? ? ? ? TYPE_13_PAIR ? ? ? 
hydrog2  hydrog ? ? A DT 1 O2 ? ? ? 1_555 C DT 1 N3 ? ? A DT 1 C DT 1 1_555 ? ? ? ? ? ? TYPE_13_PAIR ? ? ? 
hydrog3  hydrog ? ? A DC 2 N4 ? ? ? 1_555 C DC 2 O2 ? ? A DC 2 C DC 2 1_555 ? ? ? ? ? ? TYPE_15_PAIR ? ? ? 
hydrog4  hydrog ? ? A DC 2 O2 ? ? ? 1_555 C DC 2 N4 ? ? A DC 2 C DC 2 1_555 ? ? ? ? ? ? TYPE_15_PAIR ? ? ? 
hydrog5  hydrog ? ? A DC 3 N4 ? ? ? 1_555 C DC 3 O2 ? ? A DC 3 C DC 3 1_555 ? ? ? ? ? ? TYPE_15_PAIR ? ? ? 
hydrog6  hydrog ? ? A DC 3 O2 ? ? ? 1_555 C DC 3 N4 ? ? A DC 3 C DC 3 1_555 ? ? ? ? ? ? TYPE_15_PAIR ? ? ? 
hydrog7  hydrog ? ? A DC 4 N4 ? ? ? 1_555 C DC 4 O2 ? ? A DC 4 C DC 4 1_555 ? ? ? ? ? ? TYPE_15_PAIR ? ? ? 
hydrog8  hydrog ? ? A DC 4 O2 ? ? ? 1_555 C DC 4 N4 ? ? A DC 4 C DC 4 1_555 ? ? ? ? ? ? TYPE_15_PAIR ? ? ? 
hydrog9  hydrog ? ? A DC 5 N4 ? ? ? 1_555 C DC 5 O2 ? ? A DC 5 C DC 5 1_555 ? ? ? ? ? ? TYPE_15_PAIR ? ? ? 
hydrog10 hydrog ? ? A DC 5 O2 ? ? ? 1_555 C DC 5 N4 ? ? A DC 5 C DC 5 1_555 ? ? ? ? ? ? TYPE_15_PAIR ? ? ? 
hydrog11 hydrog ? ? A DC 6 N4 ? ? ? 1_555 C DC 6 O2 ? ? A DC 6 C DC 6 1_555 ? ? ? ? ? ? TYPE_15_PAIR ? ? ? 
hydrog12 hydrog ? ? A DC 6 O2 ? ? ? 1_555 C DC 6 N4 ? ? A DC 6 C DC 6 1_555 ? ? ? ? ? ? TYPE_15_PAIR ? ? ? 
hydrog13 hydrog ? ? B DT 1 N3 ? ? ? 1_555 D DT 1 O2 ? ? B DT 1 D DT 1 1_555 ? ? ? ? ? ? TYPE_13_PAIR ? ? ? 
hydrog14 hydrog ? ? B DT 1 O2 ? ? ? 1_555 D DT 1 N3 ? ? B DT 1 D DT 1 1_555 ? ? ? ? ? ? TYPE_13_PAIR ? ? ? 
hydrog15 hydrog ? ? B DC 2 N4 ? ? ? 1_555 D DC 2 O2 ? ? B DC 2 D DC 2 1_555 ? ? ? ? ? ? TYPE_15_PAIR ? ? ? 
hydrog16 hydrog ? ? B DC 2 O2 ? ? ? 1_555 D DC 2 N4 ? ? B DC 2 D DC 2 1_555 ? ? ? ? ? ? TYPE_15_PAIR ? ? ? 
hydrog17 hydrog ? ? B DC 3 N4 ? ? ? 1_555 D DC 3 O2 ? ? B DC 3 D DC 3 1_555 ? ? ? ? ? ? TYPE_15_PAIR ? ? ? 
hydrog18 hydrog ? ? B DC 3 O2 ? ? ? 1_555 D DC 3 N4 ? ? B DC 3 D DC 3 1_555 ? ? ? ? ? ? TYPE_15_PAIR ? ? ? 
hydrog19 hydrog ? ? B DC 4 N4 ? ? ? 1_555 D DC 4 O2 ? ? B DC 4 D DC 4 1_555 ? ? ? ? ? ? TYPE_15_PAIR ? ? ? 
hydrog20 hydrog ? ? B DC 4 O2 ? ? ? 1_555 D DC 4 N4 ? ? B DC 4 D DC 4 1_555 ? ? ? ? ? ? TYPE_15_PAIR ? ? ? 
hydrog21 hydrog ? ? B DC 5 N4 ? ? ? 1_555 D DC 5 O2 ? ? B DC 5 D DC 5 1_555 ? ? ? ? ? ? TYPE_15_PAIR ? ? ? 
hydrog22 hydrog ? ? B DC 5 O2 ? ? ? 1_555 D DC 5 N4 ? ? B DC 5 D DC 5 1_555 ? ? ? ? ? ? TYPE_15_PAIR ? ? ? 
hydrog23 hydrog ? ? B DC 6 N4 ? ? ? 1_555 D DC 6 O2 ? ? B DC 6 D DC 6 1_555 ? ? ? ? ? ? TYPE_15_PAIR ? ? ? 
hydrog24 hydrog ? ? B DC 6 O2 ? ? ? 1_555 D DC 6 N4 ? ? B DC 6 D DC 6 1_555 ? ? ? ? ? ? TYPE_15_PAIR ? ? ? 
# 
_struct_conn_type.id          hydrog 
_struct_conn_type.criteria    ? 
_struct_conn_type.reference   ? 
# 
loop_
_pdbx_validate_rmsd_angle.id 
_pdbx_validate_rmsd_angle.PDB_model_num 
_pdbx_validate_rmsd_angle.auth_atom_id_1 
_pdbx_validate_rmsd_angle.auth_asym_id_1 
_pdbx_validate_rmsd_angle.auth_comp_id_1 
_pdbx_validate_rmsd_angle.auth_seq_id_1 
_pdbx_validate_rmsd_angle.PDB_ins_code_1 
_pdbx_validate_rmsd_angle.label_alt_id_1 
_pdbx_validate_rmsd_angle.auth_atom_id_2 
_pdbx_validate_rmsd_angle.auth_asym_id_2 
_pdbx_validate_rmsd_angle.auth_comp_id_2 
_pdbx_validate_rmsd_angle.auth_seq_id_2 
_pdbx_validate_rmsd_angle.PDB_ins_code_2 
_pdbx_validate_rmsd_angle.label_alt_id_2 
_pdbx_validate_rmsd_angle.auth_atom_id_3 
_pdbx_validate_rmsd_angle.auth_asym_id_3 
_pdbx_validate_rmsd_angle.auth_comp_id_3 
_pdbx_validate_rmsd_angle.auth_seq_id_3 
_pdbx_validate_rmsd_angle.PDB_ins_code_3 
_pdbx_validate_rmsd_angle.label_alt_id_3 
_pdbx_validate_rmsd_angle.angle_value 
_pdbx_validate_rmsd_angle.angle_target_value 
_pdbx_validate_rmsd_angle.angle_deviation 
_pdbx_validate_rmsd_angle.angle_standard_deviation 
_pdbx_validate_rmsd_angle.linker_flag 
1  1 "O4'" A DT 1 ? ? "C1'" A DT 1 ? ? N1 A DT 1 ? ? 112.12 108.30 3.82  0.30 N 
2  1 C6    A DT 1 ? ? C5    A DT 1 ? ? C7 A DT 1 ? ? 119.12 122.90 -3.78 0.60 N 
3  1 "O4'" A DC 2 ? ? "C1'" A DC 2 ? ? N1 A DC 2 ? ? 112.67 108.30 4.37  0.30 N 
4  1 "O4'" A DC 3 ? ? "C1'" A DC 3 ? ? N1 A DC 3 ? ? 112.97 108.30 4.67  0.30 N 
5  1 "O4'" A DC 6 ? ? "C1'" A DC 6 ? ? N1 A DC 6 ? ? 112.03 108.30 3.73  0.30 N 
6  1 "O4'" B DT 1 ? ? "C1'" B DT 1 ? ? N1 B DT 1 ? ? 112.06 108.30 3.76  0.30 N 
7  1 C6    B DT 1 ? ? C5    B DT 1 ? ? C7 B DT 1 ? ? 119.08 122.90 -3.82 0.60 N 
8  1 "O4'" B DC 2 ? ? "C1'" B DC 2 ? ? N1 B DC 2 ? ? 112.68 108.30 4.38  0.30 N 
9  1 "O4'" B DC 3 ? ? "C1'" B DC 3 ? ? N1 B DC 3 ? ? 112.98 108.30 4.68  0.30 N 
10 1 "O4'" B DC 6 ? ? "C1'" B DC 6 ? ? N1 B DC 6 ? ? 112.02 108.30 3.72  0.30 N 
11 1 "O4'" C DT 1 ? ? "C1'" C DT 1 ? ? N1 C DT 1 ? ? 112.10 108.30 3.80  0.30 N 
12 1 C6    C DT 1 ? ? C5    C DT 1 ? ? C7 C DT 1 ? ? 119.09 122.90 -3.81 0.60 N 
13 1 "O4'" C DC 2 ? ? "C1'" C DC 2 ? ? N1 C DC 2 ? ? 112.61 108.30 4.31  0.30 N 
14 1 "O4'" C DC 3 ? ? "C1'" C DC 3 ? ? N1 C DC 3 ? ? 112.95 108.30 4.65  0.30 N 
15 1 "O4'" C DC 6 ? ? "C1'" C DC 6 ? ? N1 C DC 6 ? ? 112.05 108.30 3.75  0.30 N 
16 1 "O4'" D DT 1 ? ? "C1'" D DT 1 ? ? N1 D DT 1 ? ? 112.07 108.30 3.77  0.30 N 
17 1 C6    D DT 1 ? ? C5    D DT 1 ? ? C7 D DT 1 ? ? 119.07 122.90 -3.83 0.60 N 
18 1 "O4'" D DC 2 ? ? "C1'" D DC 2 ? ? N1 D DC 2 ? ? 112.67 108.30 4.37  0.30 N 
19 1 "O4'" D DC 3 ? ? "C1'" D DC 3 ? ? N1 D DC 3 ? ? 112.96 108.30 4.66  0.30 N 
20 1 "O4'" D DC 6 ? ? "C1'" D DC 6 ? ? N1 D DC 6 ? ? 112.07 108.30 3.77  0.30 N 
# 
loop_
_pdbx_validate_planes.id 
_pdbx_validate_planes.PDB_model_num 
_pdbx_validate_planes.auth_comp_id 
_pdbx_validate_planes.auth_asym_id 
_pdbx_validate_planes.auth_seq_id 
_pdbx_validate_planes.PDB_ins_code 
_pdbx_validate_planes.label_alt_id 
_pdbx_validate_planes.rmsd 
_pdbx_validate_planes.type 
1 1 DT A 1 ? ? 0.075 'SIDE CHAIN' 
2 1 DT B 1 ? ? 0.075 'SIDE CHAIN' 
3 1 DT C 1 ? ? 0.074 'SIDE CHAIN' 
4 1 DT D 1 ? ? 0.075 'SIDE CHAIN' 
# 
_pdbx_nmr_ensemble.entry_id                                      225D 
_pdbx_nmr_ensemble.conformers_calculated_total_number            ? 
_pdbx_nmr_ensemble.conformers_submitted_total_number             1 
_pdbx_nmr_ensemble.conformer_selection_criteria                  ? 
_pdbx_nmr_ensemble.average_constraints_per_residue               ? 
_pdbx_nmr_ensemble.average_constraint_violations_per_residue     ? 
_pdbx_nmr_ensemble.maximum_distance_constraint_violation         ? 
_pdbx_nmr_ensemble.average_distance_constraint_violation         ? 
_pdbx_nmr_ensemble.maximum_upper_distance_constraint_violation   ? 
_pdbx_nmr_ensemble.maximum_lower_distance_constraint_violation   ? 
_pdbx_nmr_ensemble.distance_constraint_violation_method          ? 
_pdbx_nmr_ensemble.maximum_torsion_angle_constraint_violation    ? 
_pdbx_nmr_ensemble.average_torsion_angle_constraint_violation    ? 
_pdbx_nmr_ensemble.torsion_angle_constraint_violation_method     ? 
# 
_pdbx_nmr_exptl_sample_conditions.conditions_id       1 
_pdbx_nmr_exptl_sample_conditions.temperature         298 
_pdbx_nmr_exptl_sample_conditions.pressure            ? 
_pdbx_nmr_exptl_sample_conditions.pH                  4.3 
_pdbx_nmr_exptl_sample_conditions.ionic_strength      ? 
_pdbx_nmr_exptl_sample_conditions.pressure_units      . 
_pdbx_nmr_exptl_sample_conditions.temperature_units   K 
# 
_pdbx_nmr_details.entry_id   225D 
_pdbx_nmr_details.text       
;DATA COLLECTION PARAMETERS: FREQUENCY: 600 MHZ FOR 1H, 242 MHZ FOR 31P SAMPLE TUBE: 5 MM, 7.5 MILLIMOLAR STRAND, PH 4.3, 25 C SPECTRA FOR ASSIGNMENTS: HOMONUCLEAR PROTON 2D, 1H-31P TOCSY; SPECTRA FOR CONSTRAINTS: NOESY, DQF-COSY, 1H-31P COSY
;
# 
_pdbx_nmr_constraints.entry_id                                      225D 
_pdbx_nmr_constraints.NOE_constraints_total                         70 
_pdbx_nmr_constraints.NOE_intraresidue_total_count                  43 
_pdbx_nmr_constraints.NOE_sequential_total_count                    6 
_pdbx_nmr_constraints.NOE_medium_range_total_count                  ? 
_pdbx_nmr_constraints.NOE_long_range_total_count                    ? 
_pdbx_nmr_constraints.protein_phi_angle_constraints_total_count     ? 
_pdbx_nmr_constraints.protein_psi_angle_constraints_total_count     ? 
_pdbx_nmr_constraints.protein_chi_angle_constraints_total_count     ? 
_pdbx_nmr_constraints.protein_other_angle_constraints_total_count   ? 
_pdbx_nmr_constraints.NOE_interproton_distance_evaluation           ? 
_pdbx_nmr_constraints.NOE_pseudoatom_corrections                    ? 
_pdbx_nmr_constraints.NOE_motional_averaging_correction             ? 
_pdbx_nmr_constraints.hydrogen_bond_constraints_total_count         15 
_pdbx_nmr_constraints.disulfide_bond_constraints_total_count        ? 
_pdbx_nmr_constraints.NA_alpha-angle_constraints_total_count        ? 
_pdbx_nmr_constraints.NA_beta-angle_constraints_total_count         ? 
_pdbx_nmr_constraints.NA_gamma-angle_constraints_total_count        ? 
_pdbx_nmr_constraints.NA_delta-angle_constraints_total_count        ? 
_pdbx_nmr_constraints.NA_epsilon-angle_constraints_total_count      ? 
_pdbx_nmr_constraints.NA_chi-angle_constraints_total_count          ? 
_pdbx_nmr_constraints.NA_other-angle_constraints_total_count        ? 
_pdbx_nmr_constraints.NA_sugar_pucker_constraints_total_count       ? 
# 
_pdbx_nmr_refine.entry_id           225D 
_pdbx_nmr_refine.method             'MOLECULAR DYNAMICS, ENERGY MINIMIZATION' 
_pdbx_nmr_refine.details            
;STRUCTURE CALCULATION: MOLECULAR DYNAMICS AND ENERGY MINIMIZATION USING X-PLOR CONSTRAINTS (PER STRAND): TOTAL 70 DISTANCE CONSTRAINTS (ABOUT 12/NUCLEOTIDE) 43 FROM INTRANUCLEOTIDE NOES 6 FROM SEQUENTIAL INTERNUCLEOTIDE NOES 21 FROM NON-SEQUENTIAL INTERNUCLEOTIDE NOES 15 FROM HYDROGEN BONDS DIHEDRAL ANGLE CONSTRAINTS 10 BACKBONE AND SUGAR RING TORSION ANGLES CONSTRAINTS TO MAKE CYTOSINE BASE PAIRS PLANAR 4-FOLD SYMMETRY CONSTRAINTS (AS 3 SETS OF PAIRWISE NON-CRYSTALLOGRAPHIC SYMMETRY CONSTRAINTS)
;
_pdbx_nmr_refine.software_ordinal   1 
# 
_pdbx_nmr_software.name             X-PLOR 
_pdbx_nmr_software.version          ? 
_pdbx_nmr_software.classification   refinement 
_pdbx_nmr_software.authors          BRUNGER 
_pdbx_nmr_software.ordinal          1 
# 
loop_
_chem_comp_atom.comp_id 
_chem_comp_atom.atom_id 
_chem_comp_atom.type_symbol 
_chem_comp_atom.pdbx_aromatic_flag 
_chem_comp_atom.pdbx_stereo_config 
_chem_comp_atom.pdbx_ordinal 
DC OP3    O N N 1  
DC P      P N N 2  
DC OP1    O N N 3  
DC OP2    O N N 4  
DC "O5'"  O N N 5  
DC "C5'"  C N N 6  
DC "C4'"  C N R 7  
DC "O4'"  O N N 8  
DC "C3'"  C N S 9  
DC "O3'"  O N N 10 
DC "C2'"  C N N 11 
DC "C1'"  C N R 12 
DC N1     N N N 13 
DC C2     C N N 14 
DC O2     O N N 15 
DC N3     N N N 16 
DC C4     C N N 17 
DC N4     N N N 18 
DC C5     C N N 19 
DC C6     C N N 20 
DC HOP3   H N N 21 
DC HOP2   H N N 22 
DC "H5'"  H N N 23 
DC "H5''" H N N 24 
DC "H4'"  H N N 25 
DC "H3'"  H N N 26 
DC "HO3'" H N N 27 
DC "H2'"  H N N 28 
DC "H2''" H N N 29 
DC "H1'"  H N N 30 
DC H41    H N N 31 
DC H42    H N N 32 
DC H5     H N N 33 
DC H6     H N N 34 
DT OP3    O N N 35 
DT P      P N N 36 
DT OP1    O N N 37 
DT OP2    O N N 38 
DT "O5'"  O N N 39 
DT "C5'"  C N N 40 
DT "C4'"  C N R 41 
DT "O4'"  O N N 42 
DT "C3'"  C N S 43 
DT "O3'"  O N N 44 
DT "C2'"  C N N 45 
DT "C1'"  C N R 46 
DT N1     N N N 47 
DT C2     C N N 48 
DT O2     O N N 49 
DT N3     N N N 50 
DT C4     C N N 51 
DT O4     O N N 52 
DT C5     C N N 53 
DT C7     C N N 54 
DT C6     C N N 55 
DT HOP3   H N N 56 
DT HOP2   H N N 57 
DT "H5'"  H N N 58 
DT "H5''" H N N 59 
DT "H4'"  H N N 60 
DT "H3'"  H N N 61 
DT "HO3'" H N N 62 
DT "H2'"  H N N 63 
DT "H2''" H N N 64 
DT "H1'"  H N N 65 
DT H3     H N N 66 
DT H71    H N N 67 
DT H72    H N N 68 
DT H73    H N N 69 
DT H6     H N N 70 
# 
loop_
_chem_comp_bond.comp_id 
_chem_comp_bond.atom_id_1 
_chem_comp_bond.atom_id_2 
_chem_comp_bond.value_order 
_chem_comp_bond.pdbx_aromatic_flag 
_chem_comp_bond.pdbx_stereo_config 
_chem_comp_bond.pdbx_ordinal 
DC OP3   P      sing N N 1  
DC OP3   HOP3   sing N N 2  
DC P     OP1    doub N N 3  
DC P     OP2    sing N N 4  
DC P     "O5'"  sing N N 5  
DC OP2   HOP2   sing N N 6  
DC "O5'" "C5'"  sing N N 7  
DC "C5'" "C4'"  sing N N 8  
DC "C5'" "H5'"  sing N N 9  
DC "C5'" "H5''" sing N N 10 
DC "C4'" "O4'"  sing N N 11 
DC "C4'" "C3'"  sing N N 12 
DC "C4'" "H4'"  sing N N 13 
DC "O4'" "C1'"  sing N N 14 
DC "C3'" "O3'"  sing N N 15 
DC "C3'" "C2'"  sing N N 16 
DC "C3'" "H3'"  sing N N 17 
DC "O3'" "HO3'" sing N N 18 
DC "C2'" "C1'"  sing N N 19 
DC "C2'" "H2'"  sing N N 20 
DC "C2'" "H2''" sing N N 21 
DC "C1'" N1     sing N N 22 
DC "C1'" "H1'"  sing N N 23 
DC N1    C2     sing N N 24 
DC N1    C6     sing N N 25 
DC C2    O2     doub N N 26 
DC C2    N3     sing N N 27 
DC N3    C4     doub N N 28 
DC C4    N4     sing N N 29 
DC C4    C5     sing N N 30 
DC N4    H41    sing N N 31 
DC N4    H42    sing N N 32 
DC C5    C6     doub N N 33 
DC C5    H5     sing N N 34 
DC C6    H6     sing N N 35 
DT OP3   P      sing N N 36 
DT OP3   HOP3   sing N N 37 
DT P     OP1    doub N N 38 
DT P     OP2    sing N N 39 
DT P     "O5'"  sing N N 40 
DT OP2   HOP2   sing N N 41 
DT "O5'" "C5'"  sing N N 42 
DT "C5'" "C4'"  sing N N 43 
DT "C5'" "H5'"  sing N N 44 
DT "C5'" "H5''" sing N N 45 
DT "C4'" "O4'"  sing N N 46 
DT "C4'" "C3'"  sing N N 47 
DT "C4'" "H4'"  sing N N 48 
DT "O4'" "C1'"  sing N N 49 
DT "C3'" "O3'"  sing N N 50 
DT "C3'" "C2'"  sing N N 51 
DT "C3'" "H3'"  sing N N 52 
DT "O3'" "HO3'" sing N N 53 
DT "C2'" "C1'"  sing N N 54 
DT "C2'" "H2'"  sing N N 55 
DT "C2'" "H2''" sing N N 56 
DT "C1'" N1     sing N N 57 
DT "C1'" "H1'"  sing N N 58 
DT N1    C2     sing N N 59 
DT N1    C6     sing N N 60 
DT C2    O2     doub N N 61 
DT C2    N3     sing N N 62 
DT N3    C4     sing N N 63 
DT N3    H3     sing N N 64 
DT C4    O4     doub N N 65 
DT C4    C5     sing N N 66 
DT C5    C7     sing N N 67 
DT C5    C6     doub N N 68 
DT C7    H71    sing N N 69 
DT C7    H72    sing N N 70 
DT C7    H73    sing N N 71 
DT C6    H6     sing N N 72 
# 
loop_
_ndb_struct_conf_na.entry_id 
_ndb_struct_conf_na.feature 
225D 'double helix'         
225D 'parallel strands'     
225D 'mismatched base pair' 
# 
loop_
_ndb_struct_na_base_pair.model_number 
_ndb_struct_na_base_pair.i_label_asym_id 
_ndb_struct_na_base_pair.i_label_comp_id 
_ndb_struct_na_base_pair.i_label_seq_id 
_ndb_struct_na_base_pair.i_symmetry 
_ndb_struct_na_base_pair.j_label_asym_id 
_ndb_struct_na_base_pair.j_label_comp_id 
_ndb_struct_na_base_pair.j_label_seq_id 
_ndb_struct_na_base_pair.j_symmetry 
_ndb_struct_na_base_pair.shear 
_ndb_struct_na_base_pair.stretch 
_ndb_struct_na_base_pair.stagger 
_ndb_struct_na_base_pair.buckle 
_ndb_struct_na_base_pair.propeller 
_ndb_struct_na_base_pair.opening 
_ndb_struct_na_base_pair.pair_number 
_ndb_struct_na_base_pair.pair_name 
_ndb_struct_na_base_pair.i_auth_asym_id 
_ndb_struct_na_base_pair.i_auth_seq_id 
_ndb_struct_na_base_pair.i_PDB_ins_code 
_ndb_struct_na_base_pair.j_auth_asym_id 
_ndb_struct_na_base_pair.j_auth_seq_id 
_ndb_struct_na_base_pair.j_PDB_ins_code 
_ndb_struct_na_base_pair.hbond_type_28 
_ndb_struct_na_base_pair.hbond_type_12 
1 A DT 1 1_555 C DT 1 1_555 1.971  2.689  0.000  -7.686 10.837  179.998  1  A_DT1:DT1_C A 1 ? C 1 ? 13 2 
1 D DC 6 1_555 B DC 6 1_555 -2.051 -1.333 0.000  -0.918 1.045   -179.981 2  D_DC6:DC6_B D 6 ? B 6 ? 15 2 
1 A DC 2 1_555 C DC 2 1_555 1.976  1.217  0.000  -5.235 0.997   179.980  3  A_DC2:DC2_C A 2 ? C 2 ? 15 2 
1 D DC 5 1_555 B DC 5 1_555 1.923  1.075  0.000  -4.031 0.730   179.997  4  D_DC5:DC5_B D 5 ? B 5 ? 15 2 
1 A DC 3 1_555 C DC 3 1_555 -1.800 -1.070 0.000  -0.850 1.851   -179.977 5  A_DC3:DC3_C A 3 ? C 3 ? 15 2 
1 D DC 4 1_555 B DC 4 1_555 2.000  1.197  0.000  0.214  1.154   179.996  6  D_DC4:DC4_B D 4 ? B 4 ? 15 2 
1 A DC 4 1_555 C DC 4 1_555 -2.000 -1.197 -0.001 -0.213 -1.051  -179.991 7  A_DC4:DC4_C A 4 ? C 4 ? 15 2 
1 D DC 3 1_555 B DC 3 1_555 1.800  1.067  0.000  0.846  -1.891  179.982  8  D_DC3:DC3_B D 3 ? B 3 ? 15 2 
1 A DC 5 1_555 C DC 5 1_555 -1.923 -1.076 0.000  3.983  -0.722  -179.980 9  A_DC5:DC5_C A 5 ? C 5 ? 15 2 
1 D DC 2 1_555 B DC 2 1_555 -1.976 -1.219 0.000  5.309  -0.889  -179.998 10 D_DC2:DC2_B D 2 ? B 2 ? 15 2 
1 A DC 6 1_555 C DC 6 1_555 2.050  1.324  -0.001 0.885  -1.015  179.913  11 A_DC6:DC6_C A 6 ? C 6 ? 15 2 
1 D DT 1 1_555 B DT 1 1_555 -1.970 -2.688 0.000  7.689  -10.822 -179.993 12 D_DT1:DT1_B D 1 ? B 1 ? 13 2 
# 
loop_
_ndb_struct_na_base_pair_step.model_number 
_ndb_struct_na_base_pair_step.i_label_asym_id_1 
_ndb_struct_na_base_pair_step.i_label_comp_id_1 
_ndb_struct_na_base_pair_step.i_label_seq_id_1 
_ndb_struct_na_base_pair_step.i_symmetry_1 
_ndb_struct_na_base_pair_step.j_label_asym_id_1 
_ndb_struct_na_base_pair_step.j_label_comp_id_1 
_ndb_struct_na_base_pair_step.j_label_seq_id_1 
_ndb_struct_na_base_pair_step.j_symmetry_1 
_ndb_struct_na_base_pair_step.i_label_asym_id_2 
_ndb_struct_na_base_pair_step.i_label_comp_id_2 
_ndb_struct_na_base_pair_step.i_label_seq_id_2 
_ndb_struct_na_base_pair_step.i_symmetry_2 
_ndb_struct_na_base_pair_step.j_label_asym_id_2 
_ndb_struct_na_base_pair_step.j_label_comp_id_2 
_ndb_struct_na_base_pair_step.j_label_seq_id_2 
_ndb_struct_na_base_pair_step.j_symmetry_2 
_ndb_struct_na_base_pair_step.shift 
_ndb_struct_na_base_pair_step.slide 
_ndb_struct_na_base_pair_step.rise 
_ndb_struct_na_base_pair_step.tilt 
_ndb_struct_na_base_pair_step.roll 
_ndb_struct_na_base_pair_step.twist 
_ndb_struct_na_base_pair_step.x_displacement 
_ndb_struct_na_base_pair_step.y_displacement 
_ndb_struct_na_base_pair_step.helical_rise 
_ndb_struct_na_base_pair_step.inclination 
_ndb_struct_na_base_pair_step.tip 
_ndb_struct_na_base_pair_step.helical_twist 
_ndb_struct_na_base_pair_step.step_number 
_ndb_struct_na_base_pair_step.step_name 
_ndb_struct_na_base_pair_step.i_auth_asym_id_1 
_ndb_struct_na_base_pair_step.i_auth_seq_id_1 
_ndb_struct_na_base_pair_step.i_PDB_ins_code_1 
_ndb_struct_na_base_pair_step.j_auth_asym_id_1 
_ndb_struct_na_base_pair_step.j_auth_seq_id_1 
_ndb_struct_na_base_pair_step.j_PDB_ins_code_1 
_ndb_struct_na_base_pair_step.i_auth_asym_id_2 
_ndb_struct_na_base_pair_step.i_auth_seq_id_2 
_ndb_struct_na_base_pair_step.i_PDB_ins_code_2 
_ndb_struct_na_base_pair_step.j_auth_asym_id_2 
_ndb_struct_na_base_pair_step.j_auth_seq_id_2 
_ndb_struct_na_base_pair_step.j_PDB_ins_code_2 
1 A DT 1 1_555 C DT 1 1_555 D DC 6 1_555 B DC 6 1_555 2.532  2.017  -0.001 112.151  -140.777 57.245   1.008  -1.266 0.000  -70.391 
-56.077 179.990  1  AD_DT1DC6:DC6DT1_BC A 1 ? C 1 ? D 6 ? B 6 ? 
1 D DC 6 1_555 B DC 6 1_555 A DC 2 1_555 C DC 2 1_555 -2.529 -1.640 -0.001 97.919   -151.031 51.125   -0.820 1.265  0.000  -75.517 
-48.960 179.996  2  DA_DC6DC2:DC2DC6_CB D 6 ? B 6 ? A 2 ? C 2 ? 
1 A DC 2 1_555 C DC 2 1_555 D DC 5 1_555 B DC 5 1_555 -2.145 2.226  0.000  129.573  124.924  102.081  1.113  1.073  0.001  62.463  
-64.788 179.992  3  AD_DC2DC5:DC5DC2_BC A 2 ? C 2 ? D 5 ? B 5 ? 
1 D DC 5 1_555 B DC 5 1_555 A DC 3 1_555 C DC 3 1_555 2.578  1.739  0.000  -100.645 149.217  -15.745  -0.869 1.289  0.000  -74.613 
-50.326 -179.987 4  DA_DC5DC3:DC3DC5_CB D 5 ? B 5 ? A 3 ? C 3 ? 
1 A DC 3 1_555 C DC 3 1_555 D DC 4 1_555 B DC 4 1_555 2.353  1.974  -0.001 115.680  -137.886 118.719  0.987  -1.177 0.000  -68.944 
-57.841 179.992  5  AD_DC3DC4:DC4DC3_BC A 3 ? C 3 ? D 4 ? B 4 ? 
1 D DC 4 1_555 B DC 4 1_555 A DC 4 1_555 C DC 4 1_555 2.518  1.833  0.000  -105.956 145.505  -9.531   -0.917 1.259  0.000  -72.754 
-52.979 -179.995 6  DA_DC4DC4:DC4DC4_CB D 4 ? B 4 ? A 4 ? C 4 ? 
1 A DC 4 1_555 C DC 4 1_555 D DC 3 1_555 B DC 3 1_555 2.348  1.971  0.000  115.723  -137.864 -116.373 -0.986 1.174  0.000  68.932  
57.862  -179.998 7  AD_DC4DC3:DC3DC4_BC A 4 ? C 4 ? D 3 ? B 3 ? 
1 D DC 3 1_555 B DC 3 1_555 A DC 5 1_555 C DC 5 1_555 -2.579 -1.740 0.000  100.666  -149.207 76.740   -0.870 1.289  0.000  -74.605 
-50.334 179.992  8  DA_DC3DC5:DC5DC3_CB D 3 ? B 3 ? A 5 ? C 5 ? 
1 A DC 5 1_555 C DC 5 1_555 D DC 2 1_555 B DC 2 1_555 -2.142 2.224  -0.001 129.604  124.897  122.751  1.112  1.071  0.000  62.449  
-64.802 179.995  9  AD_DC5DC2:DC2DC5_BC A 5 ? C 5 ? D 2 ? B 2 ? 
1 D DC 2 1_555 B DC 2 1_555 A DC 6 1_555 C DC 6 1_555 2.530  1.644  0.002  -97.985  150.975  -172.572 -0.822 1.265  0.002  -75.488 
-48.993 -179.999 10 DA_DC2DC6:DC6DC2_CB D 2 ? B 2 ? A 6 ? C 6 ? 
1 A DC 6 1_555 C DC 6 1_555 D DT 1 1_555 B DT 1 1_555 2.532  2.018  -0.003 112.243  -140.701 155.740  1.009  -1.266 -0.003 -70.351 
-56.122 179.997  11 AD_DC6DT1:DT1DC6_BC A 6 ? C 6 ? D 1 ? B 1 ? 
# 
_atom_sites.entry_id                    225D 
_atom_sites.fract_transf_matrix[1][1]   1.000000 
_atom_sites.fract_transf_matrix[1][2]   0.000000 
_atom_sites.fract_transf_matrix[1][3]   0.000000 
_atom_sites.fract_transf_matrix[2][1]   0.000000 
_atom_sites.fract_transf_matrix[2][2]   1.000000 
_atom_sites.fract_transf_matrix[2][3]   0.000000 
_atom_sites.fract_transf_matrix[3][1]   0.000000 
_atom_sites.fract_transf_matrix[3][2]   0.000000 
_atom_sites.fract_transf_matrix[3][3]   1.000000 
_atom_sites.fract_transf_vector[1]      0.00000 
_atom_sites.fract_transf_vector[2]      0.00000 
_atom_sites.fract_transf_vector[3]      0.00000 
# 
loop_
_atom_type.symbol 
C 
H 
N 
O 
P 
# 
loop_
_atom_site.group_PDB 
_atom_site.id 
_atom_site.type_symbol 
_atom_site.label_atom_id 
_atom_site.label_alt_id 
_atom_site.label_comp_id 
_atom_site.label_asym_id 
_atom_site.label_entity_id 
_atom_site.label_seq_id 
_atom_site.pdbx_PDB_ins_code 
_atom_site.Cartn_x 
_atom_site.Cartn_y 
_atom_site.Cartn_z 
_atom_site.occupancy 
_atom_site.B_iso_or_equiv 
_atom_site.pdbx_formal_charge 
_atom_site.auth_seq_id 
_atom_site.auth_comp_id 
_atom_site.auth_asym_id 
_atom_site.auth_atom_id 
_atom_site.pdbx_PDB_model_num 
ATOM 1   O "O5'"  . DT A 1 1 ? -0.272 17.887  7.251   1.00 0.00 ? 1 DT A "O5'"  1 
ATOM 2   C "C5'"  . DT A 1 1 ? -1.626 17.862  6.788   1.00 0.00 ? 1 DT A "C5'"  1 
ATOM 3   C "C4'"  . DT A 1 1 ? -1.792 16.964  5.563   1.00 0.00 ? 1 DT A "C4'"  1 
ATOM 4   O "O4'"  . DT A 1 1 ? -0.960 17.425  4.479   1.00 0.00 ? 1 DT A "O4'"  1 
ATOM 5   C "C3'"  . DT A 1 1 ? -1.402 15.510  5.856   1.00 0.00 ? 1 DT A "C3'"  1 
ATOM 6   O "O3'"  . DT A 1 1 ? -2.513 14.794  6.410   1.00 0.00 ? 1 DT A "O3'"  1 
ATOM 7   C "C2'"  . DT A 1 1 ? -1.017 15.084  4.455   1.00 0.00 ? 1 DT A "C2'"  1 
ATOM 8   C "C1'"  . DT A 1 1 ? -0.300 16.301  3.872   1.00 0.00 ? 1 DT A "C1'"  1 
ATOM 9   N N1     . DT A 1 1 ? 1.179  16.343  4.071   1.00 0.00 ? 1 DT A N1     1 
ATOM 10  C C2     . DT A 1 1 ? 1.993  16.434  2.947   1.00 0.00 ? 1 DT A C2     1 
ATOM 11  O O2     . DT A 1 1 ? 1.557  16.625  1.812   1.00 0.00 ? 1 DT A O2     1 
ATOM 12  N N3     . DT A 1 1 ? 3.354  16.318  3.177   1.00 0.00 ? 1 DT A N3     1 
ATOM 13  C C4     . DT A 1 1 ? 3.962  16.084  4.397   1.00 0.00 ? 1 DT A C4     1 
ATOM 14  O O4     . DT A 1 1 ? 5.183  15.966  4.470   1.00 0.00 ? 1 DT A O4     1 
ATOM 15  C C5     . DT A 1 1 ? 3.034  15.998  5.501   1.00 0.00 ? 1 DT A C5     1 
ATOM 16  C C7     . DT A 1 1 ? 3.500  15.471  6.858   1.00 0.00 ? 1 DT A C7     1 
ATOM 17  C C6     . DT A 1 1 ? 1.733  16.286  5.323   1.00 0.00 ? 1 DT A C6     1 
ATOM 18  H "H5'"  . DT A 1 1 ? -1.926 18.877  6.525   1.00 0.00 ? 1 DT A "H5'"  1 
ATOM 19  H "H5''" . DT A 1 1 ? -2.268 17.500  7.591   1.00 0.00 ? 1 DT A "H5''" 1 
ATOM 20  H "H4'"  . DT A 1 1 ? -2.835 16.983  5.242   1.00 0.00 ? 1 DT A "H4'"  1 
ATOM 21  H "H3'"  . DT A 1 1 ? -0.530 15.431  6.500   1.00 0.00 ? 1 DT A "H3'"  1 
ATOM 22  H "H2'"  . DT A 1 1 ? -0.411 14.179  4.402   1.00 0.00 ? 1 DT A "H2'"  1 
ATOM 23  H "H2''" . DT A 1 1 ? -1.954 14.929  3.916   1.00 0.00 ? 1 DT A "H2''" 1 
ATOM 24  H "H1'"  . DT A 1 1 ? -0.513 16.335  2.803   1.00 0.00 ? 1 DT A "H1'"  1 
ATOM 25  H H3     . DT A 1 1 ? 3.969  16.417  2.384   1.00 0.00 ? 1 DT A H3     1 
ATOM 26  H H71    . DT A 1 1 ? 4.573  15.281  6.839   1.00 0.00 ? 1 DT A H71    1 
ATOM 27  H H72    . DT A 1 1 ? 2.974  14.540  7.073   1.00 0.00 ? 1 DT A H72    1 
ATOM 28  H H73    . DT A 1 1 ? 3.274  16.204  7.633   1.00 0.00 ? 1 DT A H73    1 
ATOM 29  H H6     . DT A 1 1 ? 1.151  16.584  6.191   1.00 0.00 ? 1 DT A H6     1 
ATOM 30  H "HO5'" . DT A 1 1 ? -0.243 18.473  8.010   1.00 0.00 ? 1 DT A "HO5'" 1 
ATOM 31  P P      . DC A 1 2 ? -2.435 13.247  6.867   1.00 0.00 ? 2 DC A P      1 
ATOM 32  O OP1    . DC A 1 2 ? -3.533 12.993  7.827   1.00 0.00 ? 2 DC A OP1    1 
ATOM 33  O OP2    . DC A 1 2 ? -1.038 12.935  7.247   1.00 0.00 ? 2 DC A OP2    1 
ATOM 34  O "O5'"  . DC A 1 2 ? -2.764 12.467  5.499   1.00 0.00 ? 2 DC A "O5'"  1 
ATOM 35  C "C5'"  . DC A 1 2 ? -4.029 12.620  4.842   1.00 0.00 ? 2 DC A "C5'"  1 
ATOM 36  C "C4'"  . DC A 1 2 ? -4.071 11.851  3.528   1.00 0.00 ? 2 DC A "C4'"  1 
ATOM 37  O "O4'"  . DC A 1 2 ? -2.995 12.292  2.681   1.00 0.00 ? 2 DC A "O4'"  1 
ATOM 38  C "C3'"  . DC A 1 2 ? -3.903 10.340  3.725   1.00 0.00 ? 2 DC A "C3'"  1 
ATOM 39  O "O3'"  . DC A 1 2 ? -5.181 9.739   3.974   1.00 0.00 ? 2 DC A "O3'"  1 
ATOM 40  C "C2'"  . DC A 1 2 ? -3.310 9.994   2.374   1.00 0.00 ? 2 DC A "C2'"  1 
ATOM 41  C "C1'"  . DC A 1 2 ? -2.371 11.151  2.073   1.00 0.00 ? 2 DC A "C1'"  1 
ATOM 42  N N1     . DC A 1 2 ? -0.961 10.966  2.513   1.00 0.00 ? 2 DC A N1     1 
ATOM 43  C C2     . DC A 1 2 ? 0.021  10.894  1.529   1.00 0.00 ? 2 DC A C2     1 
ATOM 44  O O2     . DC A 1 2 ? -0.256 11.068  0.342   1.00 0.00 ? 2 DC A O2     1 
ATOM 45  N N3     . DC A 1 2 ? 1.296  10.637  1.913   1.00 0.00 ? 2 DC A N3     1 
ATOM 46  C C4     . DC A 1 2 ? 1.616  10.482  3.203   1.00 0.00 ? 2 DC A C4     1 
ATOM 47  N N4     . DC A 1 2 ? 2.868  10.172  3.535   1.00 0.00 ? 2 DC A N4     1 
ATOM 48  C C5     . DC A 1 2 ? 0.633  10.625  4.230   1.00 0.00 ? 2 DC A C5     1 
ATOM 49  C C6     . DC A 1 2 ? -0.630 10.887  3.839   1.00 0.00 ? 2 DC A C6     1 
ATOM 50  H "H5'"  . DC A 1 2 ? -4.189 13.677  4.625   1.00 0.00 ? 2 DC A "H5'"  1 
ATOM 51  H "H5''" . DC A 1 2 ? -4.828 12.265  5.494   1.00 0.00 ? 2 DC A "H5''" 1 
ATOM 52  H "H4'"  . DC A 1 2 ? -5.022 12.034  3.027   1.00 0.00 ? 2 DC A "H4'"  1 
ATOM 53  H "H3'"  . DC A 1 2 ? -3.181 10.094  4.502   1.00 0.00 ? 2 DC A "H3'"  1 
ATOM 54  H "H2'"  . DC A 1 2 ? -2.815 9.024   2.323   1.00 0.00 ? 2 DC A "H2'"  1 
ATOM 55  H "H2''" . DC A 1 2 ? -4.121 10.035  1.651   1.00 0.00 ? 2 DC A "H2''" 1 
ATOM 56  H "H1'"  . DC A 1 2 ? -2.384 11.322  0.996   1.00 0.00 ? 2 DC A "H1'"  1 
ATOM 57  H H41    . DC A 1 2 ? 3.570  10.066  2.816   1.00 0.00 ? 2 DC A H41    1 
ATOM 58  H H42    . DC A 1 2 ? 3.118  10.043  4.505   1.00 0.00 ? 2 DC A H42    1 
ATOM 59  H H5     . DC A 1 2 ? 0.890  10.527  5.285   1.00 0.00 ? 2 DC A H5     1 
ATOM 60  H H6     . DC A 1 2 ? -1.371 11.103  4.607   1.00 0.00 ? 2 DC A H6     1 
ATOM 61  P P      . DC A 1 3 ? -5.379 8.187   4.371   1.00 0.00 ? 3 DC A P      1 
ATOM 62  O OP1    . DC A 1 3 ? -6.771 8.005   4.837   1.00 0.00 ? 3 DC A OP1    1 
ATOM 63  O OP2    . DC A 1 3 ? -4.252 7.777   5.239   1.00 0.00 ? 3 DC A OP2    1 
ATOM 64  O "O5'"  . DC A 1 3 ? -5.216 7.438   2.956   1.00 0.00 ? 3 DC A "O5'"  1 
ATOM 65  C "C5'"  . DC A 1 3 ? -6.054 7.765   1.842   1.00 0.00 ? 3 DC A "C5'"  1 
ATOM 66  C "C4'"  . DC A 1 3 ? -5.685 6.951   0.610   1.00 0.00 ? 3 DC A "C4'"  1 
ATOM 67  O "O4'"  . DC A 1 3 ? -4.284 7.091   0.312   1.00 0.00 ? 3 DC A "O4'"  1 
ATOM 68  C "C3'"  . DC A 1 3 ? -5.958 5.467   0.809   1.00 0.00 ? 3 DC A "C3'"  1 
ATOM 69  O "O3'"  . DC A 1 3 ? -7.319 5.249   0.422   1.00 0.00 ? 3 DC A "O3'"  1 
ATOM 70  C "C2'"  . DC A 1 3 ? -4.967 4.894   -0.179  1.00 0.00 ? 3 DC A "C2'"  1 
ATOM 71  C "C1'"  . DC A 1 3 ? -3.756 5.816   -0.098  1.00 0.00 ? 3 DC A "C1'"  1 
ATOM 72  N N1     . DC A 1 3 ? -2.638 5.345   0.767   1.00 0.00 ? 3 DC A N1     1 
ATOM 73  C C2     . DC A 1 3 ? -1.406 5.087   0.166   1.00 0.00 ? 3 DC A C2     1 
ATOM 74  O O2     . DC A 1 3 ? -1.271 5.136   -1.056  1.00 0.00 ? 3 DC A O2     1 
ATOM 75  N N3     . DC A 1 3 ? -0.350 4.779   0.967   1.00 0.00 ? 3 DC A N3     1 
ATOM 76  C C4     . DC A 1 3 ? -0.486 4.704   2.293   1.00 0.00 ? 3 DC A C4     1 
ATOM 77  N N4     . DC A 1 3 ? 0.580  4.412   3.039   1.00 0.00 ? 3 DC A N4     1 
ATOM 78  C C5     . DC A 1 3 ? -1.752 4.925   2.922   1.00 0.00 ? 3 DC A C5     1 
ATOM 79  C C6     . DC A 1 3 ? -2.793 5.239   2.122   1.00 0.00 ? 3 DC A C6     1 
ATOM 80  H "H5'"  . DC A 1 3 ? -5.943 8.820   1.605   1.00 0.00 ? 3 DC A "H5'"  1 
ATOM 81  H "H5''" . DC A 1 3 ? -7.100 7.584   2.095   1.00 0.00 ? 3 DC A "H5''" 1 
ATOM 82  H "H4'"  . DC A 1 3 ? -6.284 7.291   -0.236  1.00 0.00 ? 3 DC A "H4'"  1 
ATOM 83  H "H3'"  . DC A 1 3 ? -5.719 5.121   1.815   1.00 0.00 ? 3 DC A "H3'"  1 
ATOM 84  H "H2'"  . DC A 1 3 ? -4.710 3.846   -0.023  1.00 0.00 ? 3 DC A "H2'"  1 
ATOM 85  H "H2''" . DC A 1 3 ? -5.436 5.014   -1.154  1.00 0.00 ? 3 DC A "H2''" 1 
ATOM 86  H "H1'"  . DC A 1 3 ? -3.376 5.947   -1.111  1.00 0.00 ? 3 DC A "H1'"  1 
ATOM 87  H H41    . DC A 1 3 ? 1.476  4.254   2.599   1.00 0.00 ? 3 DC A H41    1 
ATOM 88  H H42    . DC A 1 3 ? 0.492  4.347   4.042   1.00 0.00 ? 3 DC A H42    1 
ATOM 89  H H5     . DC A 1 3 ? -1.874 4.841   4.001   1.00 0.00 ? 3 DC A H5     1 
ATOM 90  H H6     . DC A 1 3 ? -3.763 5.426   2.581   1.00 0.00 ? 3 DC A H6     1 
ATOM 91  P P      . DC A 1 4 ? -8.115 3.883   0.699   1.00 0.00 ? 4 DC A P      1 
ATOM 92  O OP1    . DC A 1 4 ? -9.532 4.093   0.327   1.00 0.00 ? 4 DC A OP1    1 
ATOM 93  O OP2    . DC A 1 4 ? -7.772 3.408   2.059   1.00 0.00 ? 4 DC A OP2    1 
ATOM 94  O "O5'"  . DC A 1 4 ? -7.457 2.880   -0.370  1.00 0.00 ? 4 DC A "O5'"  1 
ATOM 95  C "C5'"  . DC A 1 4 ? -7.836 1.505   -0.390  1.00 0.00 ? 4 DC A "C5'"  1 
ATOM 96  C "C4'"  . DC A 1 4 ? -6.905 0.676   -1.262  1.00 0.00 ? 4 DC A "C4'"  1 
ATOM 97  O "O4'"  . DC A 1 4 ? -5.567 0.750   -0.764  1.00 0.00 ? 4 DC A "O4'"  1 
ATOM 98  C "C3'"  . DC A 1 4 ? -7.281 -0.800  -1.171  1.00 0.00 ? 4 DC A "C3'"  1 
ATOM 99  O "O3'"  . DC A 1 4 ? -8.319 -1.150  -2.104  1.00 0.00 ? 4 DC A "O3'"  1 
ATOM 100 C "C2'"  . DC A 1 4 ? -5.945 -1.501  -1.364  1.00 0.00 ? 4 DC A "C2'"  1 
ATOM 101 C "C1'"  . DC A 1 4 ? -4.874 -0.414  -1.236  1.00 0.00 ? 4 DC A "C1'"  1 
ATOM 102 N N1     . DC A 1 4 ? -3.848 -0.788  -0.230  1.00 0.00 ? 4 DC A N1     1 
ATOM 103 C C2     . DC A 1 4 ? -2.546 -1.025  -0.653  1.00 0.00 ? 4 DC A C2     1 
ATOM 104 O O2     . DC A 1 4 ? -2.249 -0.975  -1.846  1.00 0.00 ? 4 DC A O2     1 
ATOM 105 N N3     . DC A 1 4 ? -1.613 -1.309  0.291   1.00 0.00 ? 4 DC A N3     1 
ATOM 106 C C4     . DC A 1 4 ? -1.925 -1.350  1.593   1.00 0.00 ? 4 DC A C4     1 
ATOM 107 N N4     . DC A 1 4 ? -0.970 -1.603  2.487   1.00 0.00 ? 4 DC A N4     1 
ATOM 108 C C5     . DC A 1 4 ? -3.263 -1.118  2.039   1.00 0.00 ? 4 DC A C5     1 
ATOM 109 C C6     . DC A 1 4 ? -4.188 -0.859  1.095   1.00 0.00 ? 4 DC A C6     1 
ATOM 110 H "H5'"  . DC A 1 4 ? -8.859 1.411   -0.757  1.00 0.00 ? 4 DC A "H5'"  1 
ATOM 111 H "H5''" . DC A 1 4 ? -7.786 1.121   0.631   1.00 0.00 ? 4 DC A "H5''" 1 
ATOM 112 H "H4'"  . DC A 1 4 ? -6.945 1.014   -2.298  1.00 0.00 ? 4 DC A "H4'"  1 
ATOM 113 H "H3'"  . DC A 1 4 ? -7.568 -1.034  -0.143  1.00 0.00 ? 4 DC A "H3'"  1 
ATOM 114 H "H2'"  . DC A 1 4 ? -5.846 -2.215  -0.545  1.00 0.00 ? 4 DC A "H2'"  1 
ATOM 115 H "H2''" . DC A 1 4 ? -5.860 -2.035  -2.307  1.00 0.00 ? 4 DC A "H2''" 1 
ATOM 116 H "H1'"  . DC A 1 4 ? -4.435 -0.219  -2.216  1.00 0.00 ? 4 DC A "H1'"  1 
ATOM 117 H H41    . DC A 1 4 ? -0.022 -1.767  2.179   1.00 0.00 ? 4 DC A H41    1 
ATOM 118 H H42    . DC A 1 4 ? -1.193 -1.630  3.471   1.00 0.00 ? 4 DC A H42    1 
ATOM 119 H H5     . DC A 1 4 ? -3.524 -1.146  3.097   1.00 0.00 ? 4 DC A H5     1 
ATOM 120 H H6     . DC A 1 4 ? -5.239 -0.729  1.377   1.00 0.00 ? 4 DC A H6     1 
ATOM 121 P P      . DC A 1 5 ? -8.139 -1.289  -3.707  1.00 0.00 ? 5 DC A P      1 
ATOM 122 O OP1    . DC A 1 5 ? -7.107 -0.328  -4.157  1.00 0.00 ? 5 DC A OP1    1 
ATOM 123 O OP2    . DC A 1 5 ? -9.481 -1.275  -4.330  1.00 0.00 ? 5 DC A OP2    1 
ATOM 124 O "O5'"  . DC A 1 5 ? -7.529 -2.776  -3.833  1.00 0.00 ? 5 DC A "O5'"  1 
ATOM 125 C "C5'"  . DC A 1 5 ? -8.308 -3.938  -3.523  1.00 0.00 ? 5 DC A "C5'"  1 
ATOM 126 C "C4'"  . DC A 1 5 ? -7.472 -5.200  -3.661  1.00 0.00 ? 5 DC A "C4'"  1 
ATOM 127 O "O4'"  . DC A 1 5 ? -6.411 -5.224  -2.704  1.00 0.00 ? 5 DC A "O4'"  1 
ATOM 128 C "C3'"  . DC A 1 5 ? -8.238 -6.494  -3.393  1.00 0.00 ? 5 DC A "C3'"  1 
ATOM 129 O "O3'"  . DC A 1 5 ? -8.997 -6.952  -4.528  1.00 0.00 ? 5 DC A "O3'"  1 
ATOM 130 C "C2'"  . DC A 1 5 ? -7.124 -7.433  -2.926  1.00 0.00 ? 5 DC A "C2'"  1 
ATOM 131 C "C1'"  . DC A 1 5 ? -5.877 -6.551  -2.787  1.00 0.00 ? 5 DC A "C1'"  1 
ATOM 132 N N1     . DC A 1 5 ? -5.074 -6.809  -1.564  1.00 0.00 ? 5 DC A N1     1 
ATOM 133 C C2     . DC A 1 5 ? -3.711 -7.058  -1.700  1.00 0.00 ? 5 DC A C2     1 
ATOM 134 O O2     . DC A 1 5 ? -3.175 -7.064  -2.807  1.00 0.00 ? 5 DC A O2     1 
ATOM 135 N N3     . DC A 1 5 ? -2.986 -7.281  -0.572  1.00 0.00 ? 5 DC A N3     1 
ATOM 136 C C4     . DC A 1 5 ? -3.550 -7.234  0.639   1.00 0.00 ? 5 DC A C4     1 
ATOM 137 N N4     . DC A 1 5 ? -2.804 -7.479  1.715   1.00 0.00 ? 5 DC A N4     1 
ATOM 138 C C5     . DC A 1 5 ? -4.941 -6.935  0.797   1.00 0.00 ? 5 DC A C5     1 
ATOM 139 C C6     . DC A 1 5 ? -5.657 -6.729  -0.328  1.00 0.00 ? 5 DC A C6     1 
ATOM 140 H "H5'"  . DC A 1 5 ? -9.154 -3.993  -4.209  1.00 0.00 ? 5 DC A "H5'"  1 
ATOM 141 H "H5''" . DC A 1 5 ? -8.671 -3.877  -2.496  1.00 0.00 ? 5 DC A "H5''" 1 
ATOM 142 H "H4'"  . DC A 1 5 ? -7.058 -5.235  -4.667  1.00 0.00 ? 5 DC A "H4'"  1 
ATOM 143 H "H3'"  . DC A 1 5 ? -8.891 -6.346  -2.530  1.00 0.00 ? 5 DC A "H3'"  1 
ATOM 144 H "H2'"  . DC A 1 5 ? -7.426 -7.796  -1.943  1.00 0.00 ? 5 DC A "H2'"  1 
ATOM 145 H "H2''" . DC A 1 5 ? -6.950 -8.288  -3.582  1.00 0.00 ? 5 DC A "H2''" 1 
ATOM 146 H "H1'"  . DC A 1 5 ? -5.267 -6.653  -3.686  1.00 0.00 ? 5 DC A "H1'"  1 
ATOM 147 H H41    . DC A 1 5 ? -1.822 -7.694  1.611   1.00 0.00 ? 5 DC A H41    1 
ATOM 148 H H42    . DC A 1 5 ? -3.218 -7.451  2.637   1.00 0.00 ? 5 DC A H42    1 
ATOM 149 H H5     . DC A 1 5 ? -5.402 -6.878  1.782   1.00 0.00 ? 5 DC A H5     1 
ATOM 150 H H6     . DC A 1 5 ? -6.716 -6.463  -0.256  1.00 0.00 ? 5 DC A H6     1 
ATOM 151 P P      . DC A 1 6 ? -8.422 -7.265  -6.011  1.00 0.00 ? 6 DC A P      1 
ATOM 152 O OP1    . DC A 1 6 ? -7.382 -6.266  -6.343  1.00 0.00 ? 6 DC A OP1    1 
ATOM 153 O OP2    . DC A 1 6 ? -9.577 -7.445  -6.919  1.00 0.00 ? 6 DC A OP2    1 
ATOM 154 O "O5'"  . DC A 1 6 ? -7.695 -8.689  -5.834  1.00 0.00 ? 6 DC A "O5'"  1 
ATOM 155 C "C5'"  . DC A 1 6 ? -8.425 -9.882  -5.526  1.00 0.00 ? 6 DC A "C5'"  1 
ATOM 156 C "C4'"  . DC A 1 6 ? -7.540 -11.106 -5.717  1.00 0.00 ? 6 DC A "C4'"  1 
ATOM 157 O "O4'"  . DC A 1 6 ? -6.381 -11.057 -4.873  1.00 0.00 ? 6 DC A "O4'"  1 
ATOM 158 C "C3'"  . DC A 1 6 ? -8.214 -12.428 -5.367  1.00 0.00 ? 6 DC A "C3'"  1 
ATOM 159 O "O3'"  . DC A 1 6 ? -9.185 -12.869 -6.319  1.00 0.00 ? 6 DC A "O3'"  1 
ATOM 160 C "C2'"  . DC A 1 6 ? -6.976 -13.295 -5.313  1.00 0.00 ? 6 DC A "C2'"  1 
ATOM 161 C "C1'"  . DC A 1 6 ? -5.941 -12.405 -4.626  1.00 0.00 ? 6 DC A "C1'"  1 
ATOM 162 N N1     . DC A 1 6 ? -5.709 -12.659 -3.182  1.00 0.00 ? 6 DC A N1     1 
ATOM 163 C C2     . DC A 1 6 ? -4.411 -12.970 -2.793  1.00 0.00 ? 6 DC A C2     1 
ATOM 164 O O2     . DC A 1 6 ? -3.501 -13.051 -3.616  1.00 0.00 ? 6 DC A O2     1 
ATOM 165 N N3     . DC A 1 6 ? -4.167 -13.166 -1.480  1.00 0.00 ? 6 DC A N3     1 
ATOM 166 C C4     . DC A 1 6 ? -5.137 -13.039 -0.563  1.00 0.00 ? 6 DC A C4     1 
ATOM 167 N N4     . DC A 1 6 ? -4.858 -13.232 0.726   1.00 0.00 ? 6 DC A N4     1 
ATOM 168 C C5     . DC A 1 6 ? -6.473 -12.704 -0.942  1.00 0.00 ? 6 DC A C5     1 
ATOM 169 C C6     . DC A 1 6 ? -6.713 -12.530 -2.254  1.00 0.00 ? 6 DC A C6     1 
ATOM 170 H "H5'"  . DC A 1 6 ? -9.299 -9.962  -6.173  1.00 0.00 ? 6 DC A "H5'"  1 
ATOM 171 H "H5''" . DC A 1 6 ? -8.750 -9.837  -4.487  1.00 0.00 ? 6 DC A "H5''" 1 
ATOM 172 H "H4'"  . DC A 1 6 ? -7.221 -11.143 -6.761  1.00 0.00 ? 6 DC A "H4'"  1 
ATOM 173 H "H3'"  . DC A 1 6 ? -8.664 -12.385 -4.375  1.00 0.00 ? 6 DC A "H3'"  1 
ATOM 174 H "HO3'" . DC A 1 6 ? -9.538 -13.703 -6.000  1.00 0.00 ? 6 DC A "HO3'" 1 
ATOM 175 H "H2'"  . DC A 1 6 ? -7.102 -14.254 -4.810  1.00 0.00 ? 6 DC A "H2'"  1 
ATOM 176 H "H2''" . DC A 1 6 ? -6.675 -13.461 -6.349  1.00 0.00 ? 6 DC A "H2''" 1 
ATOM 177 H "H1'"  . DC A 1 6 ? -4.995 -12.539 -5.161  1.00 0.00 ? 6 DC A "H1'"  1 
ATOM 178 H H41    . DC A 1 6 ? -3.918 -13.472 1.007   1.00 0.00 ? 6 DC A H41    1 
ATOM 179 H H42    . DC A 1 6 ? -5.585 -13.142 1.420   1.00 0.00 ? 6 DC A H42    1 
ATOM 180 H H5     . DC A 1 6 ? -7.266 -12.595 -0.203  1.00 0.00 ? 6 DC A H5     1 
ATOM 181 H H6     . DC A 1 6 ? -7.720 -12.261 -2.567  1.00 0.00 ? 6 DC A H6     1 
ATOM 182 O "O5'"  . DT B 1 1 ? -6.008 -17.620 5.102   1.00 0.00 ? 1 DT B "O5'"  1 
ATOM 183 C "C5'"  . DT B 1 1 ? -4.836 -17.587 5.923   1.00 0.00 ? 1 DT B "C5'"  1 
ATOM 184 C "C4'"  . DT B 1 1 ? -3.733 -16.728 5.305   1.00 0.00 ? 1 DT B "C4'"  1 
ATOM 185 O "O4'"  . DT B 1 1 ? -3.356 -17.241 4.011   1.00 0.00 ? 1 DT B "O4'"  1 
ATOM 186 C "C3'"  . DT B 1 1 ? -4.175 -15.273 5.111   1.00 0.00 ? 1 DT B "C3'"  1 
ATOM 187 O "O3'"  . DT B 1 1 ? -3.955 -14.519 6.310   1.00 0.00 ? 1 DT B "O3'"  1 
ATOM 188 C "C2'"  . DT B 1 1 ? -3.262 -14.901 3.963   1.00 0.00 ? 1 DT B "C2'"  1 
ATOM 189 C "C1'"  . DT B 1 1 ? -3.235 -16.151 3.083   1.00 0.00 ? 1 DT B "C1'"  1 
ATOM 190 N N1     . DT B 1 1 ? -4.269 -16.212 2.006   1.00 0.00 ? 1 DT B N1     1 
ATOM 191 C C2     . DT B 1 1 ? -3.842 -16.354 0.690   1.00 0.00 ? 1 DT B C2     1 
ATOM 192 O O2     . DT B 1 1 ? -2.672 -16.577 0.381   1.00 0.00 ? 1 DT B O2     1 
ATOM 193 N N3     . DT B 1 1 ? -4.828 -16.255 -0.278  1.00 0.00 ? 1 DT B N3     1 
ATOM 194 C C4     . DT B 1 1 ? -6.168 -15.991 -0.060  1.00 0.00 ? 1 DT B C4     1 
ATOM 195 O O4     . DT B 1 1 ? -6.944 -15.891 -1.007  1.00 0.00 ? 1 DT B O4     1 
ATOM 196 C C5     . DT B 1 1 ? -6.510 -15.851 1.337   1.00 0.00 ? 1 DT B C5     1 
ATOM 197 C C7     . DT B 1 1 ? -7.871 -15.285 1.742   1.00 0.00 ? 1 DT B C7     1 
ATOM 198 C C6     . DT B 1 1 ? -5.605 -16.122 2.293   1.00 0.00 ? 1 DT B C6     1 
ATOM 199 H "H5'"  . DT B 1 1 ? -4.465 -18.604 6.044   1.00 0.00 ? 1 DT B "H5'"  1 
ATOM 200 H "H5''" . DT B 1 1 ? -5.101 -17.187 6.901   1.00 0.00 ? 1 DT B "H5''" 1 
ATOM 201 H "H4'"  . DT B 1 1 ? -2.860 -16.740 5.959   1.00 0.00 ? 1 DT B "H4'"  1 
ATOM 202 H "H3'"  . DT B 1 1 ? -5.209 -15.188 4.781   1.00 0.00 ? 1 DT B "H3'"  1 
ATOM 203 H "H2'"  . DT B 1 1 ? -3.561 -14.010 3.410   1.00 0.00 ? 1 DT B "H2'"  1 
ATOM 204 H "H2''" . DT B 1 1 ? -2.273 -14.750 4.396   1.00 0.00 ? 1 DT B "H2''" 1 
ATOM 205 H "H1'"  . DT B 1 1 ? -2.247 -16.217 2.626   1.00 0.00 ? 1 DT B "H1'"  1 
ATOM 206 H H3     . DT B 1 1 ? -4.551 -16.392 -1.238  1.00 0.00 ? 1 DT B H3     1 
ATOM 207 H H71    . DT B 1 1 ? -8.486 -15.115 0.857   1.00 0.00 ? 1 DT B H71    1 
ATOM 208 H H72    . DT B 1 1 ? -7.720 -14.338 2.261   1.00 0.00 ? 1 DT B H72    1 
ATOM 209 H H73    . DT B 1 1 ? -8.378 -15.986 2.405   1.00 0.00 ? 1 DT B H73    1 
ATOM 210 H H6     . DT B 1 1 ? -5.967 -16.376 3.288   1.00 0.00 ? 1 DT B H6     1 
ATOM 211 H "HO5'" . DT B 1 1 ? -6.650 -18.180 5.546   1.00 0.00 ? 1 DT B "HO5'" 1 
ATOM 212 P P      . DC B 1 2 ? -4.343 -12.959 6.463   1.00 0.00 ? 2 DC B P      1 
ATOM 213 O OP1    . DC B 1 2 ? -4.467 -12.653 7.907   1.00 0.00 ? 2 DC B OP1    1 
ATOM 214 O OP2    . DC B 1 2 ? -5.468 -12.658 5.548   1.00 0.00 ? 2 DC B OP2    1 
ATOM 215 O "O5'"  . DC B 1 2 ? -3.031 -12.221 5.898   1.00 0.00 ? 2 DC B "O5'"  1 
ATOM 216 C "C5'"  . DC B 1 2 ? -1.757 -12.374 6.537   1.00 0.00 ? 2 DC B "C5'"  1 
ATOM 217 C "C4'"  . DC B 1 2 ? -0.657 -11.649 5.772   1.00 0.00 ? 2 DC B "C4'"  1 
ATOM 218 O "O4'"  . DC B 1 2 ? -0.615 -12.139 4.419   1.00 0.00 ? 2 DC B "O4'"  1 
ATOM 219 C "C3'"  . DC B 1 2 ? -0.889 -10.136 5.701   1.00 0.00 ? 2 DC B "C3'"  1 
ATOM 220 O "O3'"  . DC B 1 2 ? -0.327 -9.505  6.858   1.00 0.00 ? 2 DC B "O3'"  1 
ATOM 221 C "C2'"  . DC B 1 2 ? -0.142 -9.847  4.415   1.00 0.00 ? 2 DC B "C2'"  1 
ATOM 222 C "C1'"  . DC B 1 2 ? -0.472 -11.029 3.519   1.00 0.00 ? 2 DC B "C1'"  1 
ATOM 223 N N1     . DC B 1 2 ? -1.655 -10.854 2.632   1.00 0.00 ? 2 DC B N1     1 
ATOM 224 C C2     . DC B 1 2 ? -1.437 -10.832 1.256   1.00 0.00 ? 2 DC B C2     1 
ATOM 225 O O2     . DC B 1 2 ? -0.320 -11.044 0.788   1.00 0.00 ? 2 DC B O2     1 
ATOM 226 N N3     . DC B 1 2 ? -2.496 -10.586 0.445   1.00 0.00 ? 2 DC B N3     1 
ATOM 227 C C4     . DC B 1 2 ? -3.723 -10.392 0.941   1.00 0.00 ? 2 DC B C4     1 
ATOM 228 N N4     . DC B 1 2 ? -4.723 -10.093 0.113   1.00 0.00 ? 2 DC B N4     1 
ATOM 229 C C5     . DC B 1 2 ? -3.975 -10.483 2.344   1.00 0.00 ? 2 DC B C5     1 
ATOM 230 C C6     . DC B 1 2 ? -2.920 -10.739 3.143   1.00 0.00 ? 2 DC B C6     1 
ATOM 231 H "H5'"  . DC B 1 2 ? -1.506 -13.434 6.576   1.00 0.00 ? 2 DC B "H5'"  1 
ATOM 232 H "H5''" . DC B 1 2 ? -1.806 -11.983 7.555   1.00 0.00 ? 2 DC B "H5''" 1 
ATOM 233 H "H4'"  . DC B 1 2 ? 0.304  -11.833 6.252   1.00 0.00 ? 2 DC B "H4'"  1 
ATOM 234 H "H3'"  . DC B 1 2 ? -1.939 -9.877  5.565   1.00 0.00 ? 2 DC B "H3'"  1 
ATOM 235 H "H2'"  . DC B 1 2 ? -0.375 -8.888  3.951   1.00 0.00 ? 2 DC B "H2'"  1 
ATOM 236 H "H2''" . DC B 1 2 ? 0.921  -9.896  4.648   1.00 0.00 ? 2 DC B "H2''" 1 
ATOM 237 H "H1'"  . DC B 1 2 ? 0.403  -11.237 2.901   1.00 0.00 ? 2 DC B "H1'"  1 
ATOM 238 H H41    . DC B 1 2 ? -4.554 -10.024 -0.880  1.00 0.00 ? 2 DC B H41    1 
ATOM 239 H H42    . DC B 1 2 ? -5.651 -9.935  0.479   1.00 0.00 ? 2 DC B H42    1 
ATOM 240 H H5     . DC B 1 2 ? -4.977 -10.352 2.753   1.00 0.00 ? 2 DC B H5     1 
ATOM 241 H H6     . DC B 1 2 ? -3.106 -10.912 4.202   1.00 0.00 ? 2 DC B H6     1 
ATOM 242 P P      . DC B 1 3 ? -0.504 -7.937  7.199   1.00 0.00 ? 3 DC B P      1 
ATOM 243 O OP1    . DC B 1 3 ? -0.056 -7.714  8.592   1.00 0.00 ? 3 DC B OP1    1 
ATOM 244 O OP2    . DC B 1 3 ? -1.862 -7.517  6.786   1.00 0.00 ? 3 DC B OP2    1 
ATOM 245 O "O5'"  . DC B 1 3 ? 0.556  -7.239  6.209   1.00 0.00 ? 3 DC B "O5'"  1 
ATOM 246 C "C5'"  . DC B 1 3 ? 1.944  -7.591  6.242   1.00 0.00 ? 3 DC B "C5'"  1 
ATOM 247 C "C4'"  . DC B 1 3 ? 2.737  -6.825  5.190   1.00 0.00 ? 3 DC B "C4'"  1 
ATOM 248 O "O4'"  . DC B 1 3 ? 2.149  -7.001  3.888   1.00 0.00 ? 3 DC B "O4'"  1 
ATOM 249 C "C3'"  . DC B 1 3 ? 2.762  -5.331  5.477   1.00 0.00 ? 3 DC B "C3'"  1 
ATOM 250 O "O3'"  . DC B 1 3 ? 3.881  -5.102  6.341   1.00 0.00 ? 3 DC B "O3'"  1 
ATOM 251 C "C2'"  . DC B 1 3 ? 2.986  -4.810  4.075   1.00 0.00 ? 3 DC B "C2'"  1 
ATOM 252 C "C1'"  . DC B 1 3 ? 2.191  -5.750  3.177   1.00 0.00 ? 3 DC B "C1'"  1 
ATOM 253 N N1     . DC B 1 3 ? 0.842  -5.269  2.767   1.00 0.00 ? 3 DC B N1     1 
ATOM 254 C C2     . DC B 1 3 ? 0.606  -5.052  1.408   1.00 0.00 ? 3 DC B C2     1 
ATOM 255 O O2     . DC B 1 3 ? 1.513  -5.146  0.582   1.00 0.00 ? 3 DC B O2     1 
ATOM 256 N N3     . DC B 1 3 ? -0.656 -4.736  1.016   1.00 0.00 ? 3 DC B N3     1 
ATOM 257 C C4     . DC B 1 3 ? -1.648 -4.613  1.903   1.00 0.00 ? 3 DC B C4     1 
ATOM 258 N N4     . DC B 1 3 ? -2.873 -4.315  1.471   1.00 0.00 ? 3 DC B N4     1 
ATOM 259 C C5     . DC B 1 3 ? -1.413 -4.790  3.304   1.00 0.00 ? 3 DC B C5     1 
ATOM 260 C C6     . DC B 1 3 ? -0.161 -5.113  3.686   1.00 0.00 ? 3 DC B C6     1 
ATOM 261 H "H5'"  . DC B 1 3 ? 2.050  -8.656  6.045   1.00 0.00 ? 3 DC B "H5'"  1 
ATOM 262 H "H5''" . DC B 1 3 ? 2.359  -7.382  7.229   1.00 0.00 ? 3 DC B "H5''" 1 
ATOM 263 H "H4'"  . DC B 1 3 ? 3.766  -7.184  5.188   1.00 0.00 ? 3 DC B "H4'"  1 
ATOM 264 H "H3'"  . DC B 1 3 ? 1.814  -4.955  5.863   1.00 0.00 ? 3 DC B "H3'"  1 
ATOM 265 H "H2'"  . DC B 1 3 ? 2.727  -3.762  3.923   1.00 0.00 ? 3 DC B "H2'"  1 
ATOM 266 H "H2''" . DC B 1 3 ? 4.049  -4.955  3.883   1.00 0.00 ? 3 DC B "H2''" 1 
ATOM 267 H "H1'"  . DC B 1 3 ? 2.783  -5.921  2.278   1.00 0.00 ? 3 DC B "H1'"  1 
ATOM 268 H H41    . DC B 1 3 ? -3.043 -4.188  0.484   1.00 0.00 ? 3 DC B H41    1 
ATOM 269 H H42    . DC B 1 3 ? -3.630 -4.213  2.131   1.00 0.00 ? 3 DC B H42    1 
ATOM 270 H H5     . DC B 1 3 ? -2.213 -4.667  4.035   1.00 0.00 ? 3 DC B H5     1 
ATOM 271 H H6     . DC B 1 3 ? 0.038  -5.267  4.745   1.00 0.00 ? 3 DC B H6     1 
ATOM 272 P P      . DC B 1 4 ? 4.149  -3.714  7.100   1.00 0.00 ? 4 DC B P      1 
ATOM 273 O OP1    . DC B 1 4 ? 5.282  -3.912  8.032   1.00 0.00 ? 4 DC B OP1    1 
ATOM 274 O OP2    . DC B 1 4 ? 2.857  -3.199  7.607   1.00 0.00 ? 4 DC B OP2    1 
ATOM 275 O "O5'"  . DC B 1 4 ? 4.643  -2.761  5.904   1.00 0.00 ? 4 DC B "O5'"  1 
ATOM 276 C "C5'"  . DC B 1 4 ? 4.907  -1.382  6.151   1.00 0.00 ? 4 DC B "C5'"  1 
ATOM 277 C "C4'"  . DC B 1 4 ? 5.076  -0.598  4.858   1.00 0.00 ? 4 DC B "C4'"  1 
ATOM 278 O "O4'"  . DC B 1 4 ? 3.884  -0.679  4.073   1.00 0.00 ? 4 DC B "O4'"  1 
ATOM 279 C "C3'"  . DC B 1 4 ? 5.251  0.885   5.164   1.00 0.00 ? 4 DC B "C3'"  1 
ATOM 280 O "O3'"  . DC B 1 4 ? 6.622  1.222   5.442   1.00 0.00 ? 4 DC B "O3'"  1 
ATOM 281 C "C2'"  . DC B 1 4 ? 4.631  1.558   3.946   1.00 0.00 ? 4 DC B "C2'"  1 
ATOM 282 C "C1'"  . DC B 1 4 ? 3.878  0.457   3.195   1.00 0.00 ? 4 DC B "C1'"  1 
ATOM 283 N N1     . DC B 1 4 ? 2.467  0.847   2.946   1.00 0.00 ? 4 DC B N1     1 
ATOM 284 C C2     . DC B 1 4 ? 2.046  1.045   1.637   1.00 0.00 ? 4 DC B C2     1 
ATOM 285 O O2     . DC B 1 4 ? 2.833  0.950   0.696   1.00 0.00 ? 4 DC B O2     1 
ATOM 286 N N3     . DC B 1 4 ? 0.738  1.346   1.429   1.00 0.00 ? 4 DC B N3     1 
ATOM 287 C C4     . DC B 1 4 ? -0.129 1.436   2.445   1.00 0.00 ? 4 DC B C4     1 
ATOM 288 N N4     . DC B 1 4 ? -1.409 1.704   2.192   1.00 0.00 ? 4 DC B N4     1 
ATOM 289 C C5     . DC B 1 4 ? 0.294  1.244   3.797   1.00 0.00 ? 4 DC B C5     1 
ATOM 290 C C6     . DC B 1 4 ? 1.599  0.972   3.997   1.00 0.00 ? 4 DC B C6     1 
ATOM 291 H "H5'"  . DC B 1 4 ? 5.808  -1.281  6.758   1.00 0.00 ? 4 DC B "H5'"  1 
ATOM 292 H "H5''" . DC B 1 4 ? 4.060  -0.963  6.699   1.00 0.00 ? 4 DC B "H5''" 1 
ATOM 293 H "H4'"  . DC B 1 4 ? 5.931  -0.970  4.292   1.00 0.00 ? 4 DC B "H4'"  1 
ATOM 294 H "H3'"  . DC B 1 4 ? 4.600  1.162   5.996   1.00 0.00 ? 4 DC B "H3'"  1 
ATOM 295 H "H2'"  . DC B 1 4 ? 3.924  2.297   4.325   1.00 0.00 ? 4 DC B "H2'"  1 
ATOM 296 H "H2''" . DC B 1 4 ? 5.353  2.057   3.304   1.00 0.00 ? 4 DC B "H2''" 1 
ATOM 297 H "H1'"  . DC B 1 4 ? 4.407  0.220   2.271   1.00 0.00 ? 4 DC B "H1'"  1 
ATOM 298 H H41    . DC B 1 4 ? -1.716 1.841   1.239   1.00 0.00 ? 4 DC B H41    1 
ATOM 299 H H42    . DC B 1 4 ? -2.072 1.769   2.951   1.00 0.00 ? 4 DC B H42    1 
ATOM 300 H H5     . DC B 1 4 ? -0.405 1.313   4.630   1.00 0.00 ? 4 DC B H5     1 
ATOM 301 H H6     . DC B 1 4 ? 1.981  0.866   5.016   1.00 0.00 ? 4 DC B H6     1 
ATOM 302 P P      . DC B 1 5 ? 7.813  1.303   4.348   1.00 0.00 ? 5 DC B P      1 
ATOM 303 O OP1    . DC B 1 5 ? 7.552  0.309   3.283   1.00 0.00 ? 5 DC B OP1    1 
ATOM 304 O OP2    . DC B 1 5 ? 9.107  1.291   5.065   1.00 0.00 ? 5 DC B OP2    1 
ATOM 305 O "O5'"  . DC B 1 5 ? 7.582  2.773   3.730   1.00 0.00 ? 5 DC B "O5'"  1 
ATOM 306 C "C5'"  . DC B 1 5 ? 7.811  3.959   4.502   1.00 0.00 ? 5 DC B "C5'"  1 
ATOM 307 C "C4'"  . DC B 1 5 ? 7.452  5.201   3.701   1.00 0.00 ? 5 DC B "C4'"  1 
ATOM 308 O "O4'"  . DC B 1 5 ? 6.054  5.239   3.407   1.00 0.00 ? 5 DC B "O4'"  1 
ATOM 309 C "C3'"  . DC B 1 5 ? 7.708  6.516   4.433   1.00 0.00 ? 5 DC B "C3'"  1 
ATOM 310 O "O3'"  . DC B 1 5 ? 9.081  6.948   4.364   1.00 0.00 ? 5 DC B "O3'"  1 
ATOM 311 C "C2'"  . DC B 1 5 ? 6.692  7.452   3.777   1.00 0.00 ? 5 DC B "C2'"  1 
ATOM 312 C "C1'"  . DC B 1 5 ? 5.829  6.553   2.881   1.00 0.00 ? 5 DC B "C1'"  1 
ATOM 313 N N1     . DC B 1 5 ? 4.372  6.839   2.944   1.00 0.00 ? 5 DC B N1     1 
ATOM 314 C C2     . DC B 1 5 ? 3.684  7.060   1.755   1.00 0.00 ? 5 DC B C2     1 
ATOM 315 O O2     . DC B 1 5 ? 4.262  7.018   0.669   1.00 0.00 ? 5 DC B O2     1 
ATOM 316 N N3     . DC B 1 5 ? 2.350  7.308   1.825   1.00 0.00 ? 5 DC B N3     1 
ATOM 317 C C4     . DC B 1 5 ? 1.702  7.312   2.995   1.00 0.00 ? 5 DC B C4     1 
ATOM 318 N N4     . DC B 1 5 ? 0.397  7.581   3.017   1.00 0.00 ? 5 DC B N4     1 
ATOM 319 C C5     . DC B 1 5 ? 2.389  7.044   4.220   1.00 0.00 ? 5 DC B C5     1 
ATOM 320 C C6     . DC B 1 5 ? 3.715  6.812   4.145   1.00 0.00 ? 5 DC B C6     1 
ATOM 321 H "H5'"  . DC B 1 5 ? 8.864  4.005   4.779   1.00 0.00 ? 5 DC B "H5'"  1 
ATOM 322 H "H5''" . DC B 1 5 ? 7.196  3.937   5.403   1.00 0.00 ? 5 DC B "H5''" 1 
ATOM 323 H "H4'"  . DC B 1 5 ? 8.020  5.194   2.773   1.00 0.00 ? 5 DC B "H4'"  1 
ATOM 324 H "H3'"  . DC B 1 5 ? 7.395  6.411   5.474   1.00 0.00 ? 5 DC B "H3'"  1 
ATOM 325 H "H2'"  . DC B 1 5 ? 6.084  7.852   4.588   1.00 0.00 ? 5 DC B "H2'"  1 
ATOM 326 H "H2''" . DC B 1 5 ? 7.132  8.279   3.221   1.00 0.00 ? 5 DC B "H2''" 1 
ATOM 327 H "H1'"  . DC B 1 5 ? 6.198  6.613   1.856   1.00 0.00 ? 5 DC B "H1'"  1 
ATOM 328 H H41    . DC B 1 5 ? -0.093 7.775   2.156   1.00 0.00 ? 5 DC B H41    1 
ATOM 329 H H42    . DC B 1 5 ? -0.103 7.593   3.894   1.00 0.00 ? 5 DC B H42    1 
ATOM 330 H H5     . DC B 1 5 ? 1.865  7.028   5.177   1.00 0.00 ? 5 DC B H5     1 
ATOM 331 H H6     . DC B 1 5 ? 4.272  6.569   5.052   1.00 0.00 ? 5 DC B H6     1 
ATOM 332 P P      . DC B 1 6 ? 9.946  7.200   3.015   1.00 0.00 ? 6 DC B P      1 
ATOM 333 O OP1    . DC B 1 6 ? 9.583  6.173   2.014   1.00 0.00 ? 6 DC B OP1    1 
ATOM 334 O OP2    . DC B 1 6 ? 11.363 7.369   3.407   1.00 0.00 ? 6 DC B OP2    1 
ATOM 335 O "O5'"  . DC B 1 6 ? 9.399  8.617   2.483   1.00 0.00 ? 6 DC B "O5'"  1 
ATOM 336 C "C5'"  . DC B 1 6 ? 9.602  9.832   3.212   1.00 0.00 ? 6 DC B "C5'"  1 
ATOM 337 C "C4'"  . DC B 1 6 ? 9.256  11.032  2.344   1.00 0.00 ? 6 DC B "C4'"  1 
ATOM 338 O "O4'"  . DC B 1 6 ? 7.889  10.992  1.906   1.00 0.00 ? 6 DC B "O4'"  1 
ATOM 339 C "C3'"  . DC B 1 6 ? 9.393  12.378  3.048   1.00 0.00 ? 6 DC B "C3'"  1 
ATOM 340 O "O3'"  . DC B 1 6 ? 10.742 12.803  3.258   1.00 0.00 ? 6 DC B "O3'"  1 
ATOM 341 C "C2'"  . DC B 1 6 ? 8.635  13.224  2.051   1.00 0.00 ? 6 DC B "C2'"  1 
ATOM 342 C "C1'"  . DC B 1 6 ? 7.454  12.340  1.650   1.00 0.00 ? 6 DC B "C1'"  1 
ATOM 343 N N1     . DC B 1 6 ? 6.156  12.640  2.303   1.00 0.00 ? 6 DC B N1     1 
ATOM 344 C C2     . DC B 1 6 ? 5.080  12.942  1.474   1.00 0.00 ? 6 DC B C2     1 
ATOM 345 O O2     . DC B 1 6 ? 5.212  12.978  0.252   1.00 0.00 ? 6 DC B O2     1 
ATOM 346 N N3     . DC B 1 6 ? 3.877  13.178  2.047   1.00 0.00 ? 6 DC B N3     1 
ATOM 347 C C4     . DC B 1 6 ? 3.710  13.100  3.371   1.00 0.00 ? 6 DC B C4     1 
ATOM 348 N N4     . DC B 1 6 ? 2.508  13.333  3.896   1.00 0.00 ? 6 DC B N4     1 
ATOM 349 C C5     . DC B 1 6 ? 4.799  12.775  4.237   1.00 0.00 ? 6 DC B C5     1 
ATOM 350 C C6     . DC B 1 6 ? 5.998  12.559  3.662   1.00 0.00 ? 6 DC B C6     1 
ATOM 351 H "H5'"  . DC B 1 6 ? 10.641 9.906   3.536   1.00 0.00 ? 6 DC B "H5'"  1 
ATOM 352 H "H5''" . DC B 1 6 ? 8.954  9.828   4.089   1.00 0.00 ? 6 DC B "H5''" 1 
ATOM 353 H "H4'"  . DC B 1 6 ? 9.910  11.028  1.470   1.00 0.00 ? 6 DC B "H4'"  1 
ATOM 354 H "H3'"  . DC B 1 6 ? 8.857  12.377  3.996   1.00 0.00 ? 6 DC B "H3'"  1 
ATOM 355 H "HO3'" . DC B 1 6 ? 10.708 13.653  3.701   1.00 0.00 ? 6 DC B "HO3'" 1 
ATOM 356 H "H2'"  . DC B 1 6 ? 8.319  14.202  2.416   1.00 0.00 ? 6 DC B "H2'"  1 
ATOM 357 H "H2''" . DC B 1 6 ? 9.296  13.349  1.193   1.00 0.00 ? 6 DC B "H2''" 1 
ATOM 358 H "H1'"  . DC B 1 6 ? 7.333  12.438  0.569   1.00 0.00 ? 6 DC B "H1'"  1 
ATOM 359 H H41    . DC B 1 6 ? 1.731  13.564  3.295   1.00 0.00 ? 6 DC B H41    1 
ATOM 360 H H42    . DC B 1 6 ? 2.374  13.278  4.896   1.00 0.00 ? 6 DC B H42    1 
ATOM 361 H H5     . DC B 1 6 ? 4.667  12.705  5.316   1.00 0.00 ? 6 DC B H5     1 
ATOM 362 H H6     . DC B 1 6 ? 6.838  12.298  4.303   1.00 0.00 ? 6 DC B H6     1 
ATOM 363 O "O5'"  . DT C 1 1 ? 7.766  17.165  -4.199  1.00 0.00 ? 1 DT C "O5'"  1 
ATOM 364 C "C5'"  . DT C 1 1 ? 8.975  16.517  -3.795  1.00 0.00 ? 1 DT C "C5'"  1 
ATOM 365 C "C4'"  . DT C 1 1 ? 8.719  15.440  -2.741  1.00 0.00 ? 1 DT C "C4'"  1 
ATOM 366 O "O4'"  . DT C 1 1 ? 8.108  16.013  -1.567  1.00 0.00 ? 1 DT C "O4'"  1 
ATOM 367 C "C3'"  . DT C 1 1 ? 7.782  14.341  -3.258  1.00 0.00 ? 1 DT C "C3'"  1 
ATOM 368 O "O3'"  . DT C 1 1 ? 8.526  13.337  -3.960  1.00 0.00 ? 1 DT C "O3'"  1 
ATOM 369 C "C2'"  . DT C 1 1 ? 7.209  13.881  -1.934  1.00 0.00 ? 1 DT C "C2'"  1 
ATOM 370 C "C1'"  . DT C 1 1 ? 7.028  15.171  -1.132  1.00 0.00 ? 1 DT C "C1'"  1 
ATOM 371 N N1     . DT C 1 1 ? 5.702  15.841  -1.269  1.00 0.00 ? 1 DT C N1     1 
ATOM 372 C C2     . DT C 1 1 ? 4.955  16.067  -0.118  1.00 0.00 ? 1 DT C C2     1 
ATOM 373 O O2     . DT C 1 1 ? 5.390  15.874  1.017   1.00 0.00 ? 1 DT C O2     1 
ATOM 374 N N3     . DT C 1 1 ? 3.673  16.554  -0.316  1.00 0.00 ? 1 DT C N3     1 
ATOM 375 C C4     . DT C 1 1 ? 3.065  16.793  -1.535  1.00 0.00 ? 1 DT C C4     1 
ATOM 376 O O4     . DT C 1 1 ? 1.904  17.194  -1.582  1.00 0.00 ? 1 DT C O4     1 
ATOM 377 C C5     . DT C 1 1 ? 3.918  16.521  -2.670  1.00 0.00 ? 1 DT C C5     1 
ATOM 378 C C7     . DT C 1 1 ? 3.326  16.460  -4.078  1.00 0.00 ? 1 DT C C7     1 
ATOM 379 C C6     . DT C 1 1 ? 5.216  16.222  -2.493  1.00 0.00 ? 1 DT C C6     1 
ATOM 380 H "H5'"  . DT C 1 1 ? 9.651  17.264  -3.379  1.00 0.00 ? 1 DT C "H5'"  1 
ATOM 381 H "H5''" . DT C 1 1 ? 9.443  16.064  -4.670  1.00 0.00 ? 1 DT C "H5''" 1 
ATOM 382 H "H4'"  . DT C 1 1 ? 9.668  14.981  -2.460  1.00 0.00 ? 1 DT C "H4'"  1 
ATOM 383 H "H3'"  . DT C 1 1 ? 6.975  14.733  -3.873  1.00 0.00 ? 1 DT C "H3'"  1 
ATOM 384 H "H2'"  . DT C 1 1 ? 6.286  13.306  -2.009  1.00 0.00 ? 1 DT C "H2'"  1 
ATOM 385 H "H2''" . DT C 1 1 ? 7.983  13.274  -1.462  1.00 0.00 ? 1 DT C "H2''" 1 
ATOM 386 H "H1'"  . DT C 1 1 ? 7.199  14.938  -0.081  1.00 0.00 ? 1 DT C "H1'"  1 
ATOM 387 H H3     . DT C 1 1 ? 3.124  16.761  0.505   1.00 0.00 ? 1 DT C H3     1 
ATOM 388 H H71    . DT C 1 1 ? 2.269  16.722  -4.053  1.00 0.00 ? 1 DT C H71    1 
ATOM 389 H H72    . DT C 1 1 ? 3.437  15.446  -4.461  1.00 0.00 ? 1 DT C H72    1 
ATOM 390 H H73    . DT C 1 1 ? 3.858  17.155  -4.729  1.00 0.00 ? 1 DT C H73    1 
ATOM 391 H H6     . DT C 1 1 ? 5.903  16.391  -3.321  1.00 0.00 ? 1 DT C H6     1 
ATOM 392 H "HO5'" . DT C 1 1 ? 8.003  17.830  -4.850  1.00 0.00 ? 1 DT C "HO5'" 1 
ATOM 393 P P      . DC C 1 2 ? 7.843  12.053  -4.665  1.00 0.00 ? 2 DC C P      1 
ATOM 394 O OP1    . DC C 1 2 ? 8.777  11.538  -5.691  1.00 0.00 ? 2 DC C OP1    1 
ATOM 395 O OP2    . DC C 1 2 ? 6.454  12.403  -5.041  1.00 0.00 ? 2 DC C OP2    1 
ATOM 396 O "O5'"  . DC C 1 2 ? 7.779  10.993  -3.457  1.00 0.00 ? 2 DC C "O5'"  1 
ATOM 397 C "C5'"  . DC C 1 2 ? 8.973  10.509  -2.829  1.00 0.00 ? 2 DC C "C5'"  1 
ATOM 398 C "C4'"  . DC C 1 2 ? 8.653  9.582   -1.662  1.00 0.00 ? 2 DC C "C4'"  1 
ATOM 399 O "O4'"  . DC C 1 2 ? 7.819  10.277  -0.716  1.00 0.00 ? 2 DC C "O4'"  1 
ATOM 400 C "C3'"  . DC C 1 2 ? 7.893  8.325   -2.100  1.00 0.00 ? 2 DC C "C3'"  1 
ATOM 401 O "O3'"  . DC C 1 2 ? 8.824  7.309   -2.490  1.00 0.00 ? 2 DC C "O3'"  1 
ATOM 402 C "C2'"  . DC C 1 2 ? 7.164  8.032   -0.806  1.00 0.00 ? 2 DC C "C2'"  1 
ATOM 403 C "C1'"  . DC C 1 2 ? 6.765  9.402   -0.284  1.00 0.00 ? 2 DC C "C1'"  1 
ATOM 404 N N1     . DC C 1 2 ? 5.417  9.881   -0.698  1.00 0.00 ? 2 DC C N1     1 
ATOM 405 C C2     . DC C 1 2 ? 4.457  10.053  0.295   1.00 0.00 ? 2 DC C C2     1 
ATOM 406 O O2     . DC C 1 2 ? 4.738  9.902   1.483   1.00 0.00 ? 2 DC C O2     1 
ATOM 407 N N3     . DC C 1 2 ? 3.201  10.404  -0.082  1.00 0.00 ? 2 DC C N3     1 
ATOM 408 C C4     . DC C 1 2 ? 2.892  10.607  -1.367  1.00 0.00 ? 2 DC C C4     1 
ATOM 409 N N4     . DC C 1 2 ? 1.634  10.892  -1.701  1.00 0.00 ? 2 DC C N4     1 
ATOM 410 C C5     . DC C 1 2 ? 3.885  10.506  -2.391  1.00 0.00 ? 2 DC C C5     1 
ATOM 411 C C6     . DC C 1 2 ? 5.131  10.165  -2.007  1.00 0.00 ? 2 DC C C6     1 
ATOM 412 H "H5'"  . DC C 1 2 ? 9.541  11.357  -2.447  1.00 0.00 ? 2 DC C "H5'"  1 
ATOM 413 H "H5''" . DC C 1 2 ? 9.581  9.973   -3.558  1.00 0.00 ? 2 DC C "H5''" 1 
ATOM 414 H "H4'"  . DC C 1 2 ? 9.578  9.278   -1.171  1.00 0.00 ? 2 DC C "H4'"  1 
ATOM 415 H "H3'"  . DC C 1 2 ? 7.160  8.528   -2.881  1.00 0.00 ? 2 DC C "H3'"  1 
ATOM 416 H "H2'"  . DC C 1 2 ? 6.316  7.353   -0.897  1.00 0.00 ? 2 DC C "H2'"  1 
ATOM 417 H "H2''" . DC C 1 2 ? 7.898  7.615   -0.116  1.00 0.00 ? 2 DC C "H2''" 1 
ATOM 418 H "H1'"  . DC C 1 2 ? 6.807  9.372   0.806   1.00 0.00 ? 2 DC C "H1'"  1 
ATOM 419 H H41    . DC C 1 2 ? 0.925  10.963  -0.986  1.00 0.00 ? 2 DC C H41    1 
ATOM 420 H H42    . DC C 1 2 ? 1.388  11.037  -2.671  1.00 0.00 ? 2 DC C H42    1 
ATOM 421 H H5     . DC C 1 2 ? 3.646  10.697  -3.437  1.00 0.00 ? 2 DC C H5     1 
ATOM 422 H H6     . DC C 1 2 ? 5.922  10.182  -2.754  1.00 0.00 ? 2 DC C H6     1 
ATOM 423 P P      . DC C 1 3 ? 8.390  5.897   -3.145  1.00 0.00 ? 3 DC C P      1 
ATOM 424 O OP1    . DC C 1 3 ? 9.604  5.245   -3.683  1.00 0.00 ? 3 DC C OP1    1 
ATOM 425 O OP2    . DC C 1 3 ? 7.225  6.131   -4.028  1.00 0.00 ? 3 DC C OP2    1 
ATOM 426 O "O5'"  . DC C 1 3 ? 7.887  5.056   -1.869  1.00 0.00 ? 3 DC C "O5'"  1 
ATOM 427 C "C5'"  . DC C 1 3 ? 8.746  4.828   -0.746  1.00 0.00 ? 3 DC C "C5'"  1 
ATOM 428 C "C4'"  . DC C 1 3 ? 8.035  4.041   0.347   1.00 0.00 ? 3 DC C "C4'"  1 
ATOM 429 O "O4'"  . DC C 1 3 ? 6.801  4.687   0.713   1.00 0.00 ? 3 DC C "O4'"  1 
ATOM 430 C "C3'"  . DC C 1 3 ? 7.689  2.629   -0.105  1.00 0.00 ? 3 DC C "C3'"  1 
ATOM 431 O "O3'"  . DC C 1 3 ? 8.829  1.817   0.193   1.00 0.00 ? 3 DC C "O3'"  1 
ATOM 432 C "C2'"  . DC C 1 3 ? 6.517  2.354   0.809   1.00 0.00 ? 3 DC C "C2'"  1 
ATOM 433 C "C1'"  . DC C 1 3 ? 5.788  3.687   0.924   1.00 0.00 ? 3 DC C "C1'"  1 
ATOM 434 N N1     . DC C 1 3 ? 4.606  3.861   0.034   1.00 0.00 ? 3 DC C N1     1 
ATOM 435 C C2     . DC C 1 3 ? 3.354  4.029   0.628   1.00 0.00 ? 3 DC C C2     1 
ATOM 436 O O2     . DC C 1 3 ? 3.209  3.925   1.845   1.00 0.00 ? 3 DC C O2     1 
ATOM 437 N N3     . DC C 1 3 ? 2.294  4.313   -0.174  1.00 0.00 ? 3 DC C N3     1 
ATOM 438 C C4     . DC C 1 3 ? 2.433  4.410   -1.500  1.00 0.00 ? 3 DC C C4     1 
ATOM 439 N N4     . DC C 1 3 ? 1.368  4.703   -2.244  1.00 0.00 ? 3 DC C N4     1 
ATOM 440 C C5     . DC C 1 3 ? 3.702  4.198   -2.127  1.00 0.00 ? 3 DC C C5     1 
ATOM 441 C C6     . DC C 1 3 ? 4.752  3.925   -1.325  1.00 0.00 ? 3 DC C C6     1 
ATOM 442 H "H5'"  . DC C 1 3 ? 9.060  5.786   -0.334  1.00 0.00 ? 3 DC C "H5'"  1 
ATOM 443 H "H5''" . DC C 1 3 ? 9.636  4.282   -1.062  1.00 0.00 ? 3 DC C "H5''" 1 
ATOM 444 H "H4'"  . DC C 1 3 ? 8.690  3.963   1.216   1.00 0.00 ? 3 DC C "H4'"  1 
ATOM 445 H "H3'"  . DC C 1 3 ? 7.365  2.582   -1.144  1.00 0.00 ? 3 DC C "H3'"  1 
ATOM 446 H "H2'"  . DC C 1 3 ? 5.862  1.542   0.492   1.00 0.00 ? 3 DC C "H2'"  1 
ATOM 447 H "H2''" . DC C 1 3 ? 6.959  2.109   1.774   1.00 0.00 ? 3 DC C "H2''" 1 
ATOM 448 H "H1'"  . DC C 1 3 ? 5.458  3.790   1.958   1.00 0.00 ? 3 DC C "H1'"  1 
ATOM 449 H H41    . DC C 1 3 ? 0.471  4.853   -1.806  1.00 0.00 ? 3 DC C H41    1 
ATOM 450 H H42    . DC C 1 3 ? 1.458  4.775   -3.248  1.00 0.00 ? 3 DC C H42    1 
ATOM 451 H H5     . DC C 1 3 ? 3.817  4.252   -3.211  1.00 0.00 ? 3 DC C H5     1 
ATOM 452 H H6     . DC C 1 3 ? 5.730  3.776   -1.780  1.00 0.00 ? 3 DC C H6     1 
ATOM 453 P P      . DC C 1 4 ? 9.011  0.311   -0.335  1.00 0.00 ? 4 DC C P      1 
ATOM 454 O OP1    . DC C 1 4 ? 10.377 -0.136  0.017   1.00 0.00 ? 4 DC C OP1    1 
ATOM 455 O OP2    . DC C 1 4 ? 8.554  0.250   -1.741  1.00 0.00 ? 4 DC C OP2    1 
ATOM 456 O "O5'"  . DC C 1 4 ? 7.966  -0.498  0.577   1.00 0.00 ? 4 DC C "O5'"  1 
ATOM 457 C "C5'"  . DC C 1 4 ? 7.754  -1.891  0.356   1.00 0.00 ? 4 DC C "C5'"  1 
ATOM 458 C "C4'"  . DC C 1 4 ? 6.535  -2.404  1.111   1.00 0.00 ? 4 DC C "C4'"  1 
ATOM 459 O "O4'"  . DC C 1 4 ? 5.361  -1.712  0.680   1.00 0.00 ? 4 DC C "O4'"  1 
ATOM 460 C "C3'"  . DC C 1 4 ? 6.284  -3.868  0.765   1.00 0.00 ? 4 DC C "C3'"  1 
ATOM 461 O "O3'"  . DC C 1 4 ? 7.057  -4.758  1.590   1.00 0.00 ? 4 DC C "O3'"  1 
ATOM 462 C "C2'"  . DC C 1 4 ? 4.771  -3.988  0.887   1.00 0.00 ? 4 DC C "C2'"  1 
ATOM 463 C "C1'"  . DC C 1 4 ? 4.239  -2.555  0.977   1.00 0.00 ? 4 DC C "C1'"  1 
ATOM 464 N N1     . DC C 1 4 ? 3.186  -2.309  -0.040  1.00 0.00 ? 4 DC C N1     1 
ATOM 465 C C2     . DC C 1 4 ? 1.886  -2.063  0.384   1.00 0.00 ? 4 DC C C2     1 
ATOM 466 O O2     . DC C 1 4 ? 1.593  -2.094  1.579   1.00 0.00 ? 4 DC C O2     1 
ATOM 467 N N3     . DC C 1 4 ? 0.952  -1.783  -0.561  1.00 0.00 ? 4 DC C N3     1 
ATOM 468 C C4     . DC C 1 4 ? 1.266  -1.732  -1.861  1.00 0.00 ? 4 DC C C4     1 
ATOM 469 N N4     . DC C 1 4 ? 0.323  -1.424  -2.750  1.00 0.00 ? 4 DC C N4     1 
ATOM 470 C C5     . DC C 1 4 ? 2.597  -1.992  -2.310  1.00 0.00 ? 4 DC C C5     1 
ATOM 471 C C6     . DC C 1 4 ? 3.513  -2.291  -1.370  1.00 0.00 ? 4 DC C C6     1 
ATOM 472 H "H5'"  . DC C 1 4 ? 8.636  -2.452  0.667   1.00 0.00 ? 4 DC C "H5'"  1 
ATOM 473 H "H5''" . DC C 1 4 ? 7.588  -2.048  -0.711  1.00 0.00 ? 4 DC C "H5''" 1 
ATOM 474 H "H4'"  . DC C 1 4 ? 6.673  -2.287  2.187   1.00 0.00 ? 4 DC C "H4'"  1 
ATOM 475 H "H3'"  . DC C 1 4 ? 6.494  -4.031  -0.293  1.00 0.00 ? 4 DC C "H3'"  1 
ATOM 476 H "H2'"  . DC C 1 4 ? 4.420  -4.454  -0.034  1.00 0.00 ? 4 DC C "H2'"  1 
ATOM 477 H "H2''" . DC C 1 4 ? 4.444  -4.589  1.731   1.00 0.00 ? 4 DC C "H2''" 1 
ATOM 478 H "H1'"  . DC C 1 4 ? 3.883  -2.364  1.991   1.00 0.00 ? 4 DC C "H1'"  1 
ATOM 479 H H41    . DC C 1 4 ? -0.620 -1.237  -2.440  1.00 0.00 ? 4 DC C H41    1 
ATOM 480 H H42    . DC C 1 4 ? 0.551  -1.375  -3.733  1.00 0.00 ? 4 DC C H42    1 
ATOM 481 H H5     . DC C 1 4 ? 2.862  -1.949  -3.367  1.00 0.00 ? 4 DC C H5     1 
ATOM 482 H H6     . DC C 1 4 ? 4.532  -2.548  -1.669  1.00 0.00 ? 4 DC C H6     1 
ATOM 483 P P      . DC C 1 5 ? 6.778  -5.076  3.153   1.00 0.00 ? 5 DC C P      1 
ATOM 484 O OP1    . DC C 1 5 ? 6.210  -3.867  3.791   1.00 0.00 ? 5 DC C OP1    1 
ATOM 485 O OP2    . DC C 1 5 ? 7.988  -5.710  3.721   1.00 0.00 ? 5 DC C OP2    1 
ATOM 486 O "O5'"  . DC C 1 5 ? 5.613  -6.185  3.053   1.00 0.00 ? 5 DC C "O5'"  1 
ATOM 487 C "C5'"  . DC C 1 5 ? 5.864  -7.495  2.528   1.00 0.00 ? 5 DC C "C5'"  1 
ATOM 488 C "C4'"  . DC C 1 5 ? 4.584  -8.312  2.485   1.00 0.00 ? 5 DC C "C4'"  1 
ATOM 489 O "O4'"  . DC C 1 5 ? 3.640  -7.744  1.574   1.00 0.00 ? 5 DC C "O4'"  1 
ATOM 490 C "C3'"  . DC C 1 5 ? 4.768  -9.742  1.979   1.00 0.00 ? 5 DC C "C3'"  1 
ATOM 491 O "O3'"  . DC C 1 5 ? 5.235  -10.649 2.995   1.00 0.00 ? 5 DC C "O3'"  1 
ATOM 492 C "C2'"  . DC C 1 5 ? 3.385  -10.056 1.403   1.00 0.00 ? 5 DC C "C2'"  1 
ATOM 493 C "C1'"  . DC C 1 5 ? 2.610  -8.735  1.456   1.00 0.00 ? 5 DC C "C1'"  1 
ATOM 494 N N1     . DC C 1 5 ? 1.814  -8.440  0.236   1.00 0.00 ? 5 DC C N1     1 
ATOM 495 C C2     . DC C 1 5 ? 0.464  -8.131  0.377   1.00 0.00 ? 5 DC C C2     1 
ATOM 496 O O2     . DC C 1 5 ? -0.067 -8.101  1.487   1.00 0.00 ? 5 DC C O2     1 
ATOM 497 N N3     . DC C 1 5 ? -0.248 -7.851  -0.745  1.00 0.00 ? 5 DC C N3     1 
ATOM 498 C C4     . DC C 1 5 ? 0.328  -7.838  -1.951  1.00 0.00 ? 5 DC C C4     1 
ATOM 499 N N4     . DC C 1 5 ? -0.415 -7.577  -3.026  1.00 0.00 ? 5 DC C N4     1 
ATOM 500 C C5     . DC C 1 5 ? 1.724  -8.108  -2.106  1.00 0.00 ? 5 DC C C5     1 
ATOM 501 C C6     . DC C 1 5 ? 2.422  -8.399  -0.990  1.00 0.00 ? 5 DC C C6     1 
ATOM 502 H "H5'"  . DC C 1 5 ? 6.591  -8.000  3.166   1.00 0.00 ? 5 DC C "H5'"  1 
ATOM 503 H "H5''" . DC C 1 5 ? 6.261  -7.416  1.515   1.00 0.00 ? 5 DC C "H5''" 1 
ATOM 504 H "H4'"  . DC C 1 5 ? 4.156  -8.341  3.485   1.00 0.00 ? 5 DC C "H4'"  1 
ATOM 505 H "H3'"  . DC C 1 5 ? 5.455  -9.734  1.132   1.00 0.00 ? 5 DC C "H3'"  1 
ATOM 506 H "H2'"  . DC C 1 5 ? 3.551  -10.343 0.365   1.00 0.00 ? 5 DC C "H2'"  1 
ATOM 507 H "H2''" . DC C 1 5 ? 2.855  -10.861 1.913   1.00 0.00 ? 5 DC C "H2''" 1 
ATOM 508 H "H1'"  . DC C 1 5 ? 1.978  -8.727  2.348   1.00 0.00 ? 5 DC C "H1'"  1 
ATOM 509 H H41    . DC C 1 5 ? -1.402 -7.389  -2.923  1.00 0.00 ? 5 DC C H41    1 
ATOM 510 H H42    . DC C 1 5 ? 0.008  -7.568  -3.944  1.00 0.00 ? 5 DC C H42    1 
ATOM 511 H H5     . DC C 1 5 ? 2.205  -8.081  -3.084  1.00 0.00 ? 5 DC C H5     1 
ATOM 512 H H6     . DC C 1 5 ? 3.496  -8.578  -1.061  1.00 0.00 ? 5 DC C H6     1 
ATOM 513 P P      . DC C 1 6 ? 4.530  -10.943 4.426   1.00 0.00 ? 6 DC C P      1 
ATOM 514 O OP1    . DC C 1 6 ? 3.974  -9.677  4.955   1.00 0.00 ? 6 DC C OP1    1 
ATOM 515 O OP2    . DC C 1 6 ? 5.480  -11.723 5.250   1.00 0.00 ? 6 DC C OP2    1 
ATOM 516 O "O5'"  . DC C 1 6 ? 3.295  -11.899 4.042   1.00 0.00 ? 6 DC C "O5'"  1 
ATOM 517 C "C5'"  . DC C 1 6 ? 3.488  -13.216 3.517   1.00 0.00 ? 6 DC C "C5'"  1 
ATOM 518 C "C4'"  . DC C 1 6 ? 2.176  -13.987 3.533   1.00 0.00 ? 6 DC C "C4'"  1 
ATOM 519 O "O4'"  . DC C 1 6 ? 1.168  -13.333 2.749   1.00 0.00 ? 6 DC C "O4'"  1 
ATOM 520 C "C3'"  . DC C 1 6 ? 2.267  -15.392 2.945   1.00 0.00 ? 6 DC C "C3'"  1 
ATOM 521 O "O3'"  . DC C 1 6 ? 2.941  -16.340 3.776   1.00 0.00 ? 6 DC C "O3'"  1 
ATOM 522 C "C2'"  . DC C 1 6 ? 0.787  -15.660 2.792   1.00 0.00 ? 6 DC C "C2'"  1 
ATOM 523 C "C1'"  . DC C 1 6 ? 0.228  -14.326 2.299   1.00 0.00 ? 6 DC C "C1'"  1 
ATOM 524 N N1     . DC C 1 6 ? -0.038 -14.222 0.842   1.00 0.00 ? 6 DC C N1     1 
ATOM 525 C C2     . DC C 1 6 ? -1.336 -13.911 0.452   1.00 0.00 ? 6 DC C C2     1 
ATOM 526 O O2     . DC C 1 6 ? -2.228 -13.750 1.282   1.00 0.00 ? 6 DC C O2     1 
ATOM 527 N N3     . DC C 1 6 ? -1.589 -13.770 -0.868  1.00 0.00 ? 6 DC C N3     1 
ATOM 528 C C4     . DC C 1 6 ? -0.620 -13.898 -1.783  1.00 0.00 ? 6 DC C C4     1 
ATOM 529 N N4     . DC C 1 6 ? -0.909 -13.746 -3.074  1.00 0.00 ? 6 DC C N4     1 
ATOM 530 C C5     . DC C 1 6 ? 0.722  -14.201 -1.399  1.00 0.00 ? 6 DC C C5     1 
ATOM 531 C C6     . DC C 1 6 ? 0.964  -14.359 -0.082  1.00 0.00 ? 6 DC C C6     1 
ATOM 532 H "H5'"  . DC C 1 6 ? 4.230  -13.750 4.109   1.00 0.00 ? 6 DC C "H5'"  1 
ATOM 533 H "H5''" . DC C 1 6 ? 3.841  -13.135 2.488   1.00 0.00 ? 6 DC C "H5''" 1 
ATOM 534 H "H4'"  . DC C 1 6 ? 1.832  -14.064 4.567   1.00 0.00 ? 6 DC C "H4'"  1 
ATOM 535 H "H3'"  . DC C 1 6 ? 2.730  -15.372 1.959   1.00 0.00 ? 6 DC C "H3'"  1 
ATOM 536 H "HO3'" . DC C 1 6 ? 2.936  -17.180 3.312   1.00 0.00 ? 6 DC C "HO3'" 1 
ATOM 537 H "H2'"  . DC C 1 6 ? 0.530  -16.489 2.134   1.00 0.00 ? 6 DC C "H2'"  1 
ATOM 538 H "H2''" . DC C 1 6 ? 0.408  -15.858 3.795   1.00 0.00 ? 6 DC C "H2''" 1 
ATOM 539 H "H1'"  . DC C 1 6 ? -0.705 -14.150 2.839   1.00 0.00 ? 6 DC C "H1'"  1 
ATOM 540 H H41    . DC C 1 6 ? -1.854 -13.533 -3.358  1.00 0.00 ? 6 DC C H41    1 
ATOM 541 H H42    . DC C 1 6 ? -0.183 -13.845 -3.769  1.00 0.00 ? 6 DC C H42    1 
ATOM 542 H H5     . DC C 1 6 ? 1.516  -14.304 -2.138  1.00 0.00 ? 6 DC C H5     1 
ATOM 543 H H6     . DC C 1 6 ? 1.983  -14.578 0.231   1.00 0.00 ? 6 DC C H6     1 
ATOM 544 O "O5'"  . DT D 1 1 ? -1.486 -17.433 -8.154  1.00 0.00 ? 1 DT D "O5'"  1 
ATOM 545 C "C5'"  . DT D 1 1 ? -2.512 -16.792 -8.916  1.00 0.00 ? 1 DT D "C5'"  1 
ATOM 546 C "C4'"  . DT D 1 1 ? -3.194 -15.675 -8.126  1.00 0.00 ? 1 DT D "C4'"  1 
ATOM 547 O "O4'"  . DT D 1 1 ? -3.793 -16.197 -6.921  1.00 0.00 ? 1 DT D "O4'"  1 
ATOM 548 C "C3'"  . DT D 1 1 ? -2.206 -14.578 -7.710  1.00 0.00 ? 1 DT D "C3'"  1 
ATOM 549 O "O3'"  . DT D 1 1 ? -2.058 -13.613 -8.758  1.00 0.00 ? 1 DT D "O3'"  1 
ATOM 550 C "C2'"  . DT D 1 1 ? -2.929 -14.064 -6.484  1.00 0.00 ? 1 DT D "C2'"  1 
ATOM 551 C "C1'"  . DT D 1 1 ? -3.492 -15.321 -5.821  1.00 0.00 ? 1 DT D "C1'"  1 
ATOM 552 N N1     . DT D 1 1 ? -2.612 -15.973 -4.808  1.00 0.00 ? 1 DT D N1     1 
ATOM 553 C C2     . DT D 1 1 ? -3.106 -16.145 -3.519  1.00 0.00 ? 1 DT D C2     1 
ATOM 554 O O2     . DT D 1 1 ? -4.276 -15.921 -3.210  1.00 0.00 ? 1 DT D O2     1 
ATOM 555 N N3     . DT D 1 1 ? -2.199 -16.617 -2.583  1.00 0.00 ? 1 DT D N3     1 
ATOM 556 C C4     . DT D 1 1 ? -0.861 -16.886 -2.802  1.00 0.00 ? 1 DT D C4     1 
ATOM 557 O O4     . DT D 1 1 ? -0.144 -17.268 -1.879  1.00 0.00 ? 1 DT D O4     1 
ATOM 558 C C5     . DT D 1 1 ? -0.441 -16.669 -4.168  1.00 0.00 ? 1 DT D C5     1 
ATOM 559 C C7     . DT D 1 1 ? 1.046  -16.645 -4.521  1.00 0.00 ? 1 DT D C7     1 
ATOM 560 C C6     . DT D 1 1 ? -1.344 -16.387 -5.124  1.00 0.00 ? 1 DT D C6     1 
ATOM 561 H "H5'"  . DT D 1 1 ? -3.260 -17.536 -9.191  1.00 0.00 ? 1 DT D "H5'"  1 
ATOM 562 H "H5''" . DT D 1 1 ? -2.074 -16.378 -9.824  1.00 0.00 ? 1 DT D "H5''" 1 
ATOM 563 H "H4'"  . DT D 1 1 ? -3.972 -15.223 -8.741  1.00 0.00 ? 1 DT D "H4'"  1 
ATOM 564 H "H3'"  . DT D 1 1 ? -1.240 -14.977 -7.406  1.00 0.00 ? 1 DT D "H3'"  1 
ATOM 565 H "H2'"  . DT D 1 1 ? -2.314 -13.475 -5.803  1.00 0.00 ? 1 DT D "H2'"  1 
ATOM 566 H "H2''" . DT D 1 1 ? -3.755 -13.454 -6.852  1.00 0.00 ? 1 DT D "H2''" 1 
ATOM 567 H "H1'"  . DT D 1 1 ? -4.438 -15.055 -5.348  1.00 0.00 ? 1 DT D "H1'"  1 
ATOM 568 H H3     . DT D 1 1 ? -2.541 -16.785 -1.650  1.00 0.00 ? 1 DT D H3     1 
ATOM 569 H H71    . DT D 1 1 ? 1.643  -16.888 -3.643  1.00 0.00 ? 1 DT D H71    1 
ATOM 570 H H72    . DT D 1 1 ? 1.306  -15.646 -4.871  1.00 0.00 ? 1 DT D H72    1 
ATOM 571 H H73    . DT D 1 1 ? 1.246  -17.371 -5.309  1.00 0.00 ? 1 DT D H73    1 
ATOM 572 H H6     . DT D 1 1 ? -1.082 -16.595 -6.159  1.00 0.00 ? 1 DT D H6     1 
ATOM 573 H "HO5'" . DT D 1 1 ? -1.111 -18.123 -8.706  1.00 0.00 ? 1 DT D "HO5'" 1 
ATOM 574 P P      . DC D 1 2 ? -1.065 -12.342 -8.666  1.00 0.00 ? 2 DC D P      1 
ATOM 575 O OP1    . DC D 1 2 ? -0.777 -11.879 -10.043 1.00 0.00 ? 2 DC D OP1    1 
ATOM 576 O OP2    . DC D 1 2 ? 0.051  -12.679 -7.754  1.00 0.00 ? 2 DC D OP2    1 
ATOM 577 O "O5'"  . DC D 1 2 ? -1.985 -11.239 -7.940  1.00 0.00 ? 2 DC D "O5'"  1 
ATOM 578 C "C5'"  . DC D 1 2 ? -3.187 -10.754 -8.551  1.00 0.00 ? 2 DC D "C5'"  1 
ATOM 579 C "C4'"  . DC D 1 2 ? -3.924 -9.783  -7.638  1.00 0.00 ? 2 DC D "C4'"  1 
ATOM 580 O "O4'"  . DC D 1 2 ? -4.210 -10.430 -6.384  1.00 0.00 ? 2 DC D "O4'"  1 
ATOM 581 C "C3'"  . DC D 1 2 ? -3.100 -8.529  -7.325  1.00 0.00 ? 2 DC D "C3'"  1 
ATOM 582 O "O3'"  . DC D 1 2 ? -3.317 -7.543  -8.342  1.00 0.00 ? 2 DC D "O3'"  1 
ATOM 583 C "C2'"  . DC D 1 2 ? -3.712 -8.178  -5.985  1.00 0.00 ? 2 DC D "C2'"  1 
ATOM 584 C "C1'"  . DC D 1 2 ? -3.921 -9.523  -5.308  1.00 0.00 ? 2 DC D "C1'"  1 
ATOM 585 N N1     . DC D 1 2 ? -2.801 -9.993  -4.447  1.00 0.00 ? 2 DC D N1     1 
ATOM 586 C C2     . DC D 1 2 ? -3.040 -10.111 -3.080  1.00 0.00 ? 2 DC D C2     1 
ATOM 587 O O2     . DC D 1 2 ? -4.163 -9.926  -2.613  1.00 0.00 ? 2 DC D O2     1 
ATOM 588 N N3     . DC D 1 2 ? -2.001 -10.454 -2.276  1.00 0.00 ? 2 DC D N3     1 
ATOM 589 C C4     . DC D 1 2 ? -0.785 -10.697 -2.776  1.00 0.00 ? 2 DC D C4     1 
ATOM 590 N N4     . DC D 1 2 ? 0.221  -10.971 -1.947  1.00 0.00 ? 2 DC D N4     1 
ATOM 591 C C5     . DC D 1 2 ? -0.542 -10.648 -4.183  1.00 0.00 ? 2 DC D C5     1 
ATOM 592 C C6     . DC D 1 2 ? -1.581 -10.318 -4.976  1.00 0.00 ? 2 DC D C6     1 
ATOM 593 H "H5'"  . DC D 1 2 ? -3.845 -11.599 -8.756  1.00 0.00 ? 2 DC D "H5'"  1 
ATOM 594 H "H5''" . DC D 1 2 ? -2.947 -10.255 -9.490  1.00 0.00 ? 2 DC D "H5''" 1 
ATOM 595 H "H4'"  . DC D 1 2 ? -4.861 -9.479  -8.107  1.00 0.00 ? 2 DC D "H4'"  1 
ATOM 596 H "H3'"  . DC D 1 2 ? -2.042 -8.747  -7.186  1.00 0.00 ? 2 DC D "H3'"  1 
ATOM 597 H "H2'"  . DC D 1 2 ? -3.126 -7.488  -5.377  1.00 0.00 ? 2 DC D "H2'"  1 
ATOM 598 H "H2''" . DC D 1 2 ? -4.694 -7.750  -6.186  1.00 0.00 ? 2 DC D "H2''" 1 
ATOM 599 H "H1'"  . DC D 1 2 ? -4.827 -9.456  -4.702  1.00 0.00 ? 2 DC D "H1'"  1 
ATOM 600 H H41    . DC D 1 2 ? 0.059  -11.005 -0.950  1.00 0.00 ? 2 DC D H41    1 
ATOM 601 H H42    . DC D 1 2 ? 1.146  -11.144 -2.315  1.00 0.00 ? 2 DC D H42    1 
ATOM 602 H H5     . DC D 1 2 ? 0.440  -10.871 -4.601  1.00 0.00 ? 2 DC D H5     1 
ATOM 603 H H6     . DC D 1 2 ? -1.444 -10.373 -6.055  1.00 0.00 ? 2 DC D H6     1 
ATOM 604 P P      . DC D 1 3 ? -2.507 -6.149  -8.425  1.00 0.00 ? 3 DC D P      1 
ATOM 605 O OP1    . DC D 1 3 ? -2.777 -5.536  -9.744  1.00 0.00 ? 3 DC D OP1    1 
ATOM 606 O OP2    . DC D 1 3 ? -1.111 -6.391  -7.997  1.00 0.00 ? 3 DC D OP2    1 
ATOM 607 O "O5'"  . DC D 1 3 ? -3.227 -5.255  -7.297  1.00 0.00 ? 3 DC D "O5'"  1 
ATOM 608 C "C5'"  . DC D 1 3 ? -4.636 -5.003  -7.338  1.00 0.00 ? 3 DC D "C5'"  1 
ATOM 609 C "C4'"  . DC D 1 3 ? -5.087 -4.166  -6.147  1.00 0.00 ? 3 DC D "C4'"  1 
ATOM 610 O "O4'"  . DC D 1 3 ? -4.667 -4.777  -4.913  1.00 0.00 ? 3 DC D "O4'"  1 
ATOM 611 C "C3'"  . DC D 1 3 ? -4.494 -2.766  -6.182  1.00 0.00 ? 3 DC D "C3'"  1 
ATOM 612 O "O3'"  . DC D 1 3 ? -5.391 -1.963  -6.956  1.00 0.00 ? 3 DC D "O3'"  1 
ATOM 613 C "C2'"  . DC D 1 3 ? -4.535 -2.437  -4.706  1.00 0.00 ? 3 DC D "C2'"  1 
ATOM 614 C "C1'"  . DC D 1 3 ? -4.222 -3.754  -4.004  1.00 0.00 ? 3 DC D "C1'"  1 
ATOM 615 N N1     . DC D 1 3 ? -2.810 -3.937  -3.568  1.00 0.00 ? 3 DC D N1     1 
ATOM 616 C C2     . DC D 1 3 ? -2.555 -4.062  -2.202  1.00 0.00 ? 3 DC D C2     1 
ATOM 617 O O2     . DC D 1 3 ? -3.450 -3.915  -1.371  1.00 0.00 ? 3 DC D O2     1 
ATOM 618 N N3     . DC D 1 3 ? -1.288 -4.355  -1.807  1.00 0.00 ? 3 DC D N3     1 
ATOM 619 C C4     . DC D 1 3 ? -0.300 -4.500  -2.697  1.00 0.00 ? 3 DC D C4     1 
ATOM 620 N N4     . DC D 1 3 ? 0.924  -4.801  -2.265  1.00 0.00 ? 3 DC D N4     1 
ATOM 621 C C5     . DC D 1 3 ? -0.537 -4.333  -4.098  1.00 0.00 ? 3 DC D C5     1 
ATOM 622 C C6     . DC D 1 3 ? -1.798 -4.052  -4.484  1.00 0.00 ? 3 DC D C6     1 
ATOM 623 H "H5'"  . DC D 1 3 ? -5.171 -5.951  -7.315  1.00 0.00 ? 3 DC D "H5'"  1 
ATOM 624 H "H5''" . DC D 1 3 ? -4.896 -4.484  -8.261  1.00 0.00 ? 3 DC D "H5''" 1 
ATOM 625 H "H4'"  . DC D 1 3 ? -6.172 -4.071  -6.168  1.00 0.00 ? 3 DC D "H4'"  1 
ATOM 626 H "H3'"  . DC D 1 3 ? -3.462 -2.747  -6.534  1.00 0.00 ? 3 DC D "H3'"  1 
ATOM 627 H "H2'"  . DC D 1 3 ? -3.879 -1.626  -4.392  1.00 0.00 ? 3 DC D "H2'"  1 
ATOM 628 H "H2''" . DC D 1 3 ? -5.572 -2.168  -4.503  1.00 0.00 ? 3 DC D "H2''" 1 
ATOM 629 H "H1'"  . DC D 1 3 ? -4.864 -3.816  -3.125  1.00 0.00 ? 3 DC D "H1'"  1 
ATOM 630 H H41    . DC D 1 3 ? 1.097  -4.919  -1.277  1.00 0.00 ? 3 DC D H41    1 
ATOM 631 H H42    . DC D 1 3 ? 1.681  -4.908  -2.926  1.00 0.00 ? 3 DC D H42    1 
ATOM 632 H H5     . DC D 1 3 ? 0.269  -4.427  -4.827  1.00 0.00 ? 3 DC D H5     1 
ATOM 633 H H6     . DC D 1 3 ? -2.004 -3.934  -5.546  1.00 0.00 ? 3 DC D H6     1 
ATOM 634 P P      . DC D 1 4 ? -5.046 -0.481  -7.466  1.00 0.00 ? 4 DC D P      1 
ATOM 635 O OP1    . DC D 1 4 ? -6.127 -0.044  -8.376  1.00 0.00 ? 4 DC D OP1    1 
ATOM 636 O OP2    . DC D 1 4 ? -3.639 -0.459  -7.926  1.00 0.00 ? 4 DC D OP2    1 
ATOM 637 O "O5'"  . DC D 1 4 ? -5.152 0.379   -6.111  1.00 0.00 ? 4 DC D "O5'"  1 
ATOM 638 C "C5'"  . DC D 1 4 ? -4.824 1.767   -6.118  1.00 0.00 ? 4 DC D "C5'"  1 
ATOM 639 C "C4'"  . DC D 1 4 ? -4.707 2.325   -4.707  1.00 0.00 ? 4 DC D "C4'"  1 
ATOM 640 O "O4'"  . DC D 1 4 ? -3.678 1.640   -3.990  1.00 0.00 ? 4 DC D "O4'"  1 
ATOM 641 C "C3'"  . DC D 1 4 ? -4.254 3.782   -4.758  1.00 0.00 ? 4 DC D "C3'"  1 
ATOM 642 O "O3'"  . DC D 1 4 ? -5.360 4.686   -4.927  1.00 0.00 ? 4 DC D "O3'"  1 
ATOM 643 C "C2'"  . DC D 1 4 ? -3.458 3.932   -3.468  1.00 0.00 ? 4 DC D "C2'"  1 
ATOM 644 C "C1'"  . DC D 1 4 ? -3.243 2.512   -2.936  1.00 0.00 ? 4 DC D "C1'"  1 
ATOM 645 N N1     . DC D 1 4 ? -1.806 2.250   -2.676  1.00 0.00 ? 4 DC D N1     1 
ATOM 646 C C2     . DC D 1 4 ? -1.387 2.041   -1.368  1.00 0.00 ? 4 DC D C2     1 
ATOM 647 O O2     . DC D 1 4 ? -2.177 2.119   -0.430  1.00 0.00 ? 4 DC D O2     1 
ATOM 648 N N3     . DC D 1 4 ? -0.077 1.745   -1.160  1.00 0.00 ? 4 DC D N3     1 
ATOM 649 C C4     . DC D 1 4 ? 0.787  1.643   -2.177  1.00 0.00 ? 4 DC D C4     1 
ATOM 650 N N4     . DC D 1 4 ? 2.055  1.322   -1.928  1.00 0.00 ? 4 DC D N4     1 
ATOM 651 C C5     . DC D 1 4 ? 0.370  1.866   -3.526  1.00 0.00 ? 4 DC D C5     1 
ATOM 652 C C6     . DC D 1 4 ? -0.924 2.182   -3.722  1.00 0.00 ? 4 DC D C6     1 
ATOM 653 H "H5'"  . DC D 1 4 ? -5.585 2.323   -6.667  1.00 0.00 ? 4 DC D "H5'"  1 
ATOM 654 H "H5''" . DC D 1 4 ? -3.861 1.890   -6.618  1.00 0.00 ? 4 DC D "H5''" 1 
ATOM 655 H "H4'"  . DC D 1 4 ? -5.659 2.244   -4.181  1.00 0.00 ? 4 DC D "H4'"  1 
ATOM 656 H "H3'"  . DC D 1 4 ? -3.521 3.905   -5.557  1.00 0.00 ? 4 DC D "H3'"  1 
ATOM 657 H "H2'"  . DC D 1 4 ? -2.499 4.372   -3.744  1.00 0.00 ? 4 DC D "H2'"  1 
ATOM 658 H "H2''" . DC D 1 4 ? -3.936 4.568   -2.727  1.00 0.00 ? 4 DC D "H2''" 1 
ATOM 659 H "H1'"  . DC D 1 4 ? -3.856 2.363   -2.046  1.00 0.00 ? 4 DC D "H1'"  1 
ATOM 660 H H41    . DC D 1 4 ? 2.358  1.163   -0.978  1.00 0.00 ? 4 DC D H41    1 
ATOM 661 H H42    . DC D 1 4 ? 2.715  1.237   -2.689  1.00 0.00 ? 4 DC D H42    1 
ATOM 662 H H5     . DC D 1 4 ? 1.066  1.782   -4.361  1.00 0.00 ? 4 DC D H5     1 
ATOM 663 H H6     . DC D 1 4 ? -1.277 2.410   -4.730  1.00 0.00 ? 4 DC D H6     1 
ATOM 664 P P      . DC D 1 5 ? -6.452 5.062   -3.794  1.00 0.00 ? 5 DC D P      1 
ATOM 665 O OP1    . DC D 1 5 ? -6.655 3.886   -2.917  1.00 0.00 ? 5 DC D OP1    1 
ATOM 666 O OP2    . DC D 1 5 ? -7.614 5.694   -4.458  1.00 0.00 ? 5 DC D OP2    1 
ATOM 667 O "O5'"  . DC D 1 5 ? -5.666 6.186   -2.950  1.00 0.00 ? 5 DC D "O5'"  1 
ATOM 668 C "C5'"  . DC D 1 5 ? -5.367 7.473   -3.506  1.00 0.00 ? 5 DC D "C5'"  1 
ATOM 669 C "C4'"  . DC D 1 5 ? -4.563 8.311   -2.525  1.00 0.00 ? 5 DC D "C4'"  1 
ATOM 670 O "O4'"  . DC D 1 5 ? -3.281 7.729   -2.279  1.00 0.00 ? 5 DC D "O4'"  1 
ATOM 671 C "C3'"  . DC D 1 5 ? -4.239 9.719   -3.021  1.00 0.00 ? 5 DC D "C3'"  1 
ATOM 672 O "O3'"  . DC D 1 5 ? -5.318 10.653  -2.831  1.00 0.00 ? 5 DC D "O3'"  1 
ATOM 673 C "C2'"  . DC D 1 5 ? -2.953 10.038  -2.254  1.00 0.00 ? 5 DC D "C2'"  1 
ATOM 674 C "C1'"  . DC D 1 5 ? -2.562 8.733   -1.551  1.00 0.00 ? 5 DC D "C1'"  1 
ATOM 675 N N1     . DC D 1 5 ? -1.112 8.409   -1.616  1.00 0.00 ? 5 DC D N1     1 
ATOM 676 C C2     . DC D 1 5 ? -0.436 8.132   -0.432  1.00 0.00 ? 5 DC D C2     1 
ATOM 677 O O2     . DC D 1 5 ? -1.020 8.148   0.651   1.00 0.00 ? 5 DC D O2     1 
ATOM 678 N N3     . DC D 1 5 ? 0.885  7.824   -0.507  1.00 0.00 ? 5 DC D N3     1 
ATOM 679 C C4     . DC D 1 5 ? 1.519  7.758   -1.683  1.00 0.00 ? 5 DC D C4     1 
ATOM 680 N N4     . DC D 1 5 ? 2.821  7.474   -1.706  1.00 0.00 ? 5 DC D N4     1 
ATOM 681 C C5     . DC D 1 5 ? 0.827  7.998   -2.911  1.00 0.00 ? 5 DC D C5     1 
ATOM 682 C C6     . DC D 1 5 ? -0.481 8.316   -2.828  1.00 0.00 ? 5 DC D C6     1 
ATOM 683 H "H5'"  . DC D 1 5 ? -6.301 7.988   -3.734  1.00 0.00 ? 5 DC D "H5'"  1 
ATOM 684 H "H5''" . DC D 1 5 ? -4.785 7.352   -4.420  1.00 0.00 ? 5 DC D "H5''" 1 
ATOM 685 H "H4'"  . DC D 1 5 ? -5.118 8.383   -1.592  1.00 0.00 ? 5 DC D "H4'"  1 
ATOM 686 H "H3'"  . DC D 1 5 ? -3.959 9.671   -4.074  1.00 0.00 ? 5 DC D "H3'"  1 
ATOM 687 H "H2'"  . DC D 1 5 ? -2.207 10.285  -3.009  1.00 0.00 ? 5 DC D "H2'"  1 
ATOM 688 H "H2''" . DC D 1 5 ? -3.038 10.868  -1.553  1.00 0.00 ? 5 DC D "H2''" 1 
ATOM 689 H "H1'"  . DC D 1 5 ? -2.910 8.767   -0.517  1.00 0.00 ? 5 DC D "H1'"  1 
ATOM 690 H H41    . DC D 1 5 ? 3.316  7.307   -0.842  1.00 0.00 ? 5 DC D H41    1 
ATOM 691 H H42    . DC D 1 5 ? 3.313  7.427   -2.587  1.00 0.00 ? 5 DC D H42    1 
ATOM 692 H H5     . DC D 1 5 ? 1.333  7.930   -3.874  1.00 0.00 ? 5 DC D H5     1 
ATOM 693 H H6     . DC D 1 5 ? -1.053 8.474   -3.744  1.00 0.00 ? 5 DC D H6     1 
ATOM 694 P P      . DC D 1 6 ? -6.053 11.007  -1.430  1.00 0.00 ? 6 DC D P      1 
ATOM 695 O OP1    . DC D 1 6 ? -6.175 9.771   -0.626  1.00 0.00 ? 6 DC D OP1    1 
ATOM 696 O OP2    . DC D 1 6 ? -7.266 11.800  -1.738  1.00 0.00 ? 6 DC D OP2    1 
ATOM 697 O "O5'"  . DC D 1 6 ? -4.998 11.971  -0.691  1.00 0.00 ? 6 DC D "O5'"  1 
ATOM 698 C "C5'"  . DC D 1 6 ? -4.665 13.267  -1.201  1.00 0.00 ? 6 DC D "C5'"  1 
ATOM 699 C "C4'"  . DC D 1 6 ? -3.892 14.061  -0.159  1.00 0.00 ? 6 DC D "C4'"  1 
ATOM 700 O "O4'"  . DC D 1 6 ? -2.676 13.398  0.216   1.00 0.00 ? 6 DC D "O4'"  1 
ATOM 701 C "C3'"  . DC D 1 6 ? -3.446 15.443  -0.626  1.00 0.00 ? 6 DC D "C3'"  1 
ATOM 702 O "O3'"  . DC D 1 6 ? -4.498 16.407  -0.715  1.00 0.00 ? 6 DC D "O3'"  1 
ATOM 703 C "C2'"  . DC D 1 6 ? -2.445 15.731  0.469   1.00 0.00 ? 6 DC D "C2'"  1 
ATOM 704 C "C1'"  . DC D 1 6 ? -1.741 14.390  0.677   1.00 0.00 ? 6 DC D "C1'"  1 
ATOM 705 N N1     . DC D 1 6 ? -0.409 14.241  0.037   1.00 0.00 ? 6 DC D N1     1 
ATOM 706 C C2     . DC D 1 6 ? 0.666  13.939  0.866   1.00 0.00 ? 6 DC D C2     1 
ATOM 707 O O2     . DC D 1 6 ? 0.518  13.822  2.081   1.00 0.00 ? 6 DC D O2     1 
ATOM 708 N N3     . DC D 1 6 ? 1.881  13.757  0.296   1.00 0.00 ? 6 DC D N3     1 
ATOM 709 C C4     . DC D 1 6 ? 2.049  13.838  -1.027  1.00 0.00 ? 6 DC D C4     1 
ATOM 710 N N4     . DC D 1 6 ? 3.259  13.646  -1.548  1.00 0.00 ? 6 DC D N4     1 
ATOM 711 C C5     . DC D 1 6 ? 0.953  14.131  -1.895  1.00 0.00 ? 6 DC D C5     1 
ATOM 712 C C6     . DC D 1 6 ? -0.250 14.328  -1.320  1.00 0.00 ? 6 DC D C6     1 
ATOM 713 H "H5'"  . DC D 1 6 ? -5.572 13.807  -1.471  1.00 0.00 ? 6 DC D "H5'"  1 
ATOM 714 H "H5''" . DC D 1 6 ? -4.043 13.144  -2.089  1.00 0.00 ? 6 DC D "H5''" 1 
ATOM 715 H "H4'"  . DC D 1 6 ? -4.522 14.178  0.724   1.00 0.00 ? 6 DC D "H4'"  1 
ATOM 716 H "H3'"  . DC D 1 6 ? -2.923 15.380  -1.580  1.00 0.00 ? 6 DC D "H3'"  1 
ATOM 717 H "HO3'" . DC D 1 6 ? -4.105 17.231  -1.013  1.00 0.00 ? 6 DC D "HO3'" 1 
ATOM 718 H "H2'"  . DC D 1 6 ? -1.747 16.542  0.261   1.00 0.00 ? 6 DC D "H2'"  1 
ATOM 719 H "H2''" . DC D 1 6 ? -3.029 15.970  1.360   1.00 0.00 ? 6 DC D "H2''" 1 
ATOM 720 H "H1'"  . DC D 1 6 ? -1.632 14.248  1.753   1.00 0.00 ? 6 DC D "H1'"  1 
ATOM 721 H H41    . DC D 1 6 ? 4.042  13.440  -0.943  1.00 0.00 ? 6 DC D H41    1 
ATOM 722 H H42    . DC D 1 6 ? 3.394  13.708  -2.546  1.00 0.00 ? 6 DC D H42    1 
ATOM 723 H H5     . DC D 1 6 ? 1.083  14.193  -2.975  1.00 0.00 ? 6 DC D H5     1 
ATOM 724 H H6     . DC D 1 6 ? -1.101 14.541  -1.966  1.00 0.00 ? 6 DC D H6     1 
# 
